data_6T3F
#
_entry.id   6T3F
#
_cell.length_a   149.249
_cell.length_b   149.249
_cell.length_c   385.392
_cell.angle_alpha   90.000
_cell.angle_beta   90.000
_cell.angle_gamma   120.000
#
_symmetry.space_group_name_H-M   'P 63 2 2'
#
loop_
_entity.id
_entity.type
_entity.pdbx_description
1 polymer 'Fusion glycoprotein F0'
2 polymer 'Fab66 light chain'
3 polymer 'Fab66 heavy chain'
4 branched 2-acetamido-2-deoxy-beta-D-glucopyranose-(1-4)-2-acetamido-2-deoxy-beta-D-glucopyranose
5 non-polymer 2-acetamido-2-deoxy-beta-D-glucopyranose
#
loop_
_entity_poly.entity_id
_entity_poly.type
_entity_poly.pdbx_seq_one_letter_code
_entity_poly.pdbx_strand_id
1 'polypeptide(L)'
;ETGGILHYEKLSKIGLVKGVTRKYKIKSNPLTKDIVIKMIPNVSNMSQCTGSVMENYKTRLNGILTPIKGALEIYKNNTH
DLVGDVRLAGVIMAGVAIGIATAAQITAGVALYEAMKNADNINKLKSSIESTNEAVVKLQETAEKTVYVLTALQDYINTN
LVPTIDKISCKQTELSLDLALSKYLSDLLFVFGPNLQDPVSNSMTIQAISQAFGGNYETLLRTLGYATEDFDDLLESDSI
TGQIIYVDLSSYYIIVRVYFPILTEIQQAYIQELLPVSFNNDNSEWISIVPNFILVRNTLISNIEIGFCLITKRSVICNQ
DYATPMTNNMRECLTGSTEKCPRELVVSSHVPRFALSNGVLFANCISVTCQCQTTGRAISQSGEQTLLMIDNTTCPTAVL
GNVIISLGKYLGSVNYNSEGIAIGPPVFTDKVDISSQISSMNQSLQQSKDYIKEAQRLLDGTMKQIEDKIEEILSKIYHI
ENEIARIKKLIGEGGSHHHHHH
;
F
2 'polypeptide(L)'
;ETGVMTQTPASVEAAVGGTVTIKCQASQNIISSLAWYQQKPGQRPKLLIYYASTLASGVPSRFKGSGSGTQFTLTISDLE
CADAATYYCQSYYYSGITYGNAFGGGTEVVVKGDPVAPTVLIFPPAADQVATGTVTIVCVANKYFPDVTVTWEVDGTTQT
TGIENSKTPQNSADCTYNLSSTLTLTSTQYNSHKEYTCKVTQGTTSVVQSFSRKNC
;
L
3 'polypeptide(L)'
;ETGSGGGLVKPGGTLTLTCKASGFTLSSYWMCWVRQAPGKGLELIACLYTNGATTWYASWVNGRFAISRSTSRNTVDLNM
TSLTAADTATYFCARGSGSGWSWFNIWGPGTLVTVSSGQPKAPSVFPLAPCCGDTPSSTVTLGCLVKGYLPEPVTVTWNS
GTLTNGVRTFPSVRQSSGLYSLSSVVSVTSSSQPVTCNVAHPATNTKVDKTVAPSTCNKGTKHHHHHH
;
H
#
loop_
_chem_comp.id
_chem_comp.type
_chem_comp.name
_chem_comp.formula
NAG D-saccharide, beta linking 2-acetamido-2-deoxy-beta-D-glucopyranose 'C8 H15 N O6'
#
# COMPACT_ATOMS: atom_id res chain seq x y z
N THR A 2 -46.13 16.14 -34.32
CA THR A 2 -46.62 15.84 -32.97
C THR A 2 -48.08 16.23 -32.81
N GLY A 3 -48.46 17.37 -33.40
CA GLY A 3 -49.83 17.86 -33.30
C GLY A 3 -50.02 18.81 -32.14
N GLY A 4 -51.18 19.45 -32.14
CA GLY A 4 -51.51 20.41 -31.10
C GLY A 4 -52.74 20.02 -30.30
N ILE A 5 -52.58 19.89 -28.99
CA ILE A 5 -53.69 19.52 -28.13
C ILE A 5 -53.71 20.44 -26.91
N LEU A 6 -52.88 21.48 -26.92
CA LEU A 6 -52.71 22.36 -25.76
C LEU A 6 -53.37 23.72 -25.92
N HIS A 7 -54.03 23.99 -27.06
CA HIS A 7 -54.67 25.27 -27.29
C HIS A 7 -53.71 26.43 -26.99
N TYR A 8 -52.69 26.53 -27.83
CA TYR A 8 -51.56 27.43 -27.55
C TYR A 8 -51.91 28.90 -27.71
N GLU A 9 -52.97 29.23 -28.45
CA GLU A 9 -53.32 30.63 -28.67
C GLU A 9 -53.84 31.26 -27.37
N LYS A 10 -54.86 30.65 -26.77
CA LYS A 10 -55.38 31.11 -25.49
C LYS A 10 -54.28 31.13 -24.43
N LEU A 11 -53.43 30.10 -24.42
CA LEU A 11 -52.32 30.06 -23.47
C LEU A 11 -51.36 31.23 -23.69
N SER A 12 -51.10 31.56 -24.95
CA SER A 12 -50.24 32.70 -25.23
C SER A 12 -50.86 34.00 -24.75
N LYS A 13 -52.19 34.11 -24.81
CA LYS A 13 -52.83 35.32 -24.33
C LYS A 13 -52.66 35.50 -22.82
N ILE A 14 -52.50 34.41 -22.07
CA ILE A 14 -52.27 34.52 -20.63
C ILE A 14 -50.80 34.40 -20.28
N GLY A 15 -49.91 34.71 -21.23
CA GLY A 15 -48.49 34.80 -20.94
C GLY A 15 -47.69 33.53 -21.03
N LEU A 16 -48.29 32.44 -21.49
CA LEU A 16 -47.58 31.17 -21.67
C LEU A 16 -47.31 30.99 -23.16
N VAL A 17 -46.08 31.29 -23.57
CA VAL A 17 -45.68 31.21 -24.96
C VAL A 17 -45.14 29.82 -25.25
N LYS A 18 -45.51 29.27 -26.42
CA LYS A 18 -45.09 27.93 -26.79
C LYS A 18 -43.58 27.90 -27.01
N GLY A 19 -42.91 26.95 -26.38
CA GLY A 19 -41.47 26.79 -26.52
C GLY A 19 -41.07 25.58 -27.34
N VAL A 20 -39.88 25.06 -27.06
CA VAL A 20 -39.34 23.94 -27.83
C VAL A 20 -40.05 22.65 -27.44
N THR A 21 -40.21 21.75 -28.41
CA THR A 21 -40.79 20.43 -28.20
C THR A 21 -39.67 19.40 -28.22
N ARG A 22 -39.50 18.68 -27.12
CA ARG A 22 -38.39 17.77 -26.93
C ARG A 22 -38.88 16.32 -26.89
N LYS A 23 -37.97 15.40 -27.24
CA LYS A 23 -38.27 13.98 -27.16
C LYS A 23 -38.16 13.49 -25.72
N TYR A 24 -38.56 12.25 -25.52
CA TYR A 24 -38.54 11.60 -24.21
C TYR A 24 -37.65 10.37 -24.31
N LYS A 25 -36.52 10.39 -23.60
CA LYS A 25 -35.55 9.31 -23.66
C LYS A 25 -35.27 8.81 -22.25
N ILE A 26 -35.35 7.49 -22.07
CA ILE A 26 -35.15 6.86 -20.77
C ILE A 26 -34.12 5.75 -20.92
N LYS A 27 -33.25 5.61 -19.93
CA LYS A 27 -32.20 4.60 -19.96
C LYS A 27 -32.79 3.20 -19.94
N SER A 28 -32.04 2.25 -20.51
CA SER A 28 -32.42 0.84 -20.52
C SER A 28 -31.26 0.03 -21.05
N ASN A 29 -31.39 -1.30 -20.94
CA ASN A 29 -30.44 -2.29 -21.44
C ASN A 29 -29.01 -1.97 -21.01
N PRO A 30 -28.68 -2.11 -19.73
CA PRO A 30 -27.33 -1.77 -19.28
C PRO A 30 -26.31 -2.80 -19.74
N LEU A 31 -25.09 -2.31 -19.98
CA LEU A 31 -23.95 -3.16 -20.32
C LEU A 31 -23.04 -3.23 -19.11
N THR A 32 -22.84 -4.44 -18.59
CA THR A 32 -22.14 -4.64 -17.32
C THR A 32 -20.66 -4.94 -17.54
N LYS A 33 -19.80 -4.18 -16.86
CA LYS A 33 -18.38 -4.44 -16.83
C LYS A 33 -17.88 -4.22 -15.41
N ASP A 34 -16.94 -5.08 -14.98
CA ASP A 34 -16.38 -5.02 -13.64
C ASP A 34 -15.00 -4.37 -13.69
N ILE A 35 -14.60 -3.80 -12.56
CA ILE A 35 -13.28 -3.17 -12.43
C ILE A 35 -12.89 -3.17 -10.95
N VAL A 36 -11.60 -3.34 -10.71
CA VAL A 36 -11.05 -3.38 -9.37
C VAL A 36 -10.54 -2.00 -8.99
N ILE A 37 -10.84 -1.58 -7.77
CA ILE A 37 -10.35 -0.32 -7.23
C ILE A 37 -9.57 -0.63 -5.96
N LYS A 38 -8.27 -0.36 -5.97
CA LYS A 38 -7.42 -0.56 -4.81
C LYS A 38 -7.39 0.73 -4.00
N MET A 39 -7.87 0.66 -2.76
CA MET A 39 -7.95 1.82 -1.89
C MET A 39 -6.67 2.11 -1.13
N ILE A 40 -5.64 1.29 -1.30
CA ILE A 40 -4.37 1.47 -0.63
C ILE A 40 -3.26 1.48 -1.67
N PRO A 41 -2.42 2.50 -1.71
CA PRO A 41 -1.34 2.54 -2.71
C PRO A 41 -0.20 1.62 -2.33
N ASN A 42 0.61 1.30 -3.33
CA ASN A 42 1.79 0.47 -3.15
C ASN A 42 2.98 1.39 -2.85
N VAL A 43 3.52 1.27 -1.65
CA VAL A 43 4.57 2.14 -1.15
C VAL A 43 5.90 1.39 -1.03
N SER A 44 6.05 0.28 -1.76
CA SER A 44 7.24 -0.55 -1.60
C SER A 44 8.52 0.20 -1.94
N ASN A 45 8.46 1.07 -2.95
CA ASN A 45 9.64 1.81 -3.38
C ASN A 45 10.02 2.93 -2.42
N MET A 46 9.17 3.24 -1.44
CA MET A 46 9.47 4.26 -0.43
C MET A 46 9.14 3.72 0.96
N SER A 47 9.41 2.44 1.19
CA SER A 47 8.98 1.80 2.43
C SER A 47 9.71 2.36 3.64
N GLN A 48 10.91 2.90 3.46
CA GLN A 48 11.69 3.37 4.60
C GLN A 48 11.02 4.56 5.29
N CYS A 49 10.27 5.36 4.54
CA CYS A 49 9.65 6.55 5.10
C CYS A 49 8.16 6.35 5.39
N THR A 50 7.68 5.11 5.36
CA THR A 50 6.28 4.88 5.64
C THR A 50 5.99 4.95 7.14
N GLY A 51 6.92 4.46 7.95
CA GLY A 51 6.69 4.46 9.39
C GLY A 51 5.51 3.59 9.75
N SER A 52 4.68 4.10 10.66
CA SER A 52 3.44 3.44 11.06
C SER A 52 2.23 4.03 10.36
N VAL A 53 2.45 4.91 9.37
CA VAL A 53 1.34 5.57 8.70
C VAL A 53 0.45 4.56 8.00
N MET A 54 1.05 3.57 7.34
CA MET A 54 0.25 2.60 6.59
C MET A 54 -0.61 1.74 7.52
N GLU A 55 -0.11 1.44 8.72
CA GLU A 55 -0.90 0.64 9.66
C GLU A 55 -2.12 1.41 10.16
N ASN A 56 -1.92 2.68 10.53
CA ASN A 56 -3.04 3.52 10.93
C ASN A 56 -4.06 3.64 9.80
N TYR A 57 -3.57 3.86 8.57
CA TYR A 57 -4.47 3.97 7.43
C TYR A 57 -5.24 2.68 7.21
N LYS A 58 -4.56 1.53 7.37
CA LYS A 58 -5.24 0.25 7.21
C LYS A 58 -6.33 0.08 8.25
N THR A 59 -6.05 0.46 9.49
CA THR A 59 -7.07 0.36 10.54
C THR A 59 -8.28 1.23 10.22
N ARG A 60 -8.03 2.48 9.83
CA ARG A 60 -9.13 3.40 9.51
C ARG A 60 -9.95 2.89 8.32
N LEU A 61 -9.26 2.40 7.29
CA LEU A 61 -9.94 1.92 6.09
C LEU A 61 -10.73 0.65 6.38
N ASN A 62 -10.22 -0.21 7.27
CA ASN A 62 -11.00 -1.37 7.69
C ASN A 62 -12.25 -0.94 8.44
N GLY A 63 -12.12 0.05 9.33
CA GLY A 63 -13.29 0.58 10.01
C GLY A 63 -14.34 1.11 9.03
N ILE A 64 -13.88 1.72 7.94
CA ILE A 64 -14.82 2.21 6.93
C ILE A 64 -15.42 1.07 6.13
N LEU A 65 -14.62 0.06 5.80
CA LEU A 65 -15.03 -0.93 4.81
C LEU A 65 -15.86 -2.07 5.41
N THR A 66 -15.63 -2.40 6.68
CA THR A 66 -16.34 -3.53 7.29
C THR A 66 -17.86 -3.43 7.18
N PRO A 67 -18.52 -2.28 7.43
CA PRO A 67 -19.98 -2.27 7.28
C PRO A 67 -20.45 -2.60 5.87
N ILE A 68 -19.74 -2.13 4.84
CA ILE A 68 -20.11 -2.44 3.47
C ILE A 68 -20.03 -3.95 3.23
N LYS A 69 -18.96 -4.58 3.71
CA LYS A 69 -18.81 -6.02 3.55
C LYS A 69 -19.91 -6.77 4.25
N GLY A 70 -20.26 -6.36 5.47
CA GLY A 70 -21.35 -7.03 6.18
C GLY A 70 -22.69 -6.86 5.49
N ALA A 71 -22.97 -5.66 4.98
CA ALA A 71 -24.22 -5.41 4.28
C ALA A 71 -24.31 -6.28 3.02
N LEU A 72 -23.21 -6.40 2.28
CA LEU A 72 -23.22 -7.27 1.11
C LEU A 72 -23.36 -8.73 1.51
N GLU A 73 -22.73 -9.13 2.64
CA GLU A 73 -22.79 -10.51 3.08
C GLU A 73 -24.19 -10.92 3.51
N ILE A 74 -24.99 -9.96 4.01
CA ILE A 74 -26.36 -10.27 4.38
C ILE A 74 -27.11 -10.89 3.21
N TYR A 75 -26.90 -10.38 2.00
CA TYR A 75 -27.52 -10.98 0.82
C TYR A 75 -26.69 -12.14 0.26
N LYS A 76 -25.36 -12.03 0.32
CA LYS A 76 -24.52 -13.11 -0.20
C LYS A 76 -24.74 -14.40 0.58
N ASN A 77 -24.82 -14.31 1.90
CA ASN A 77 -24.99 -15.50 2.73
C ASN A 77 -26.38 -16.10 2.57
N ASN A 78 -27.39 -15.28 2.27
CA ASN A 78 -28.77 -15.73 2.19
C ASN A 78 -29.24 -15.88 0.76
N THR A 79 -28.34 -15.87 -0.21
CA THR A 79 -28.64 -16.18 -1.61
C THR A 79 -28.01 -17.53 -1.94
N HIS A 80 -28.83 -18.48 -2.37
CA HIS A 80 -28.38 -19.82 -2.69
C HIS A 80 -28.68 -20.13 -4.15
N ASP A 81 -27.68 -20.66 -4.85
CA ASP A 81 -27.82 -21.09 -6.24
C ASP A 81 -28.06 -22.59 -6.23
N LEU A 82 -29.32 -22.98 -6.36
CA LEU A 82 -29.65 -24.39 -6.44
C LEU A 82 -29.22 -24.96 -7.78
N VAL A 83 -29.04 -26.29 -7.83
CA VAL A 83 -28.60 -26.94 -9.05
C VAL A 83 -29.62 -26.66 -10.14
N GLY A 84 -29.16 -26.02 -11.21
CA GLY A 84 -30.08 -25.59 -12.26
C GLY A 84 -30.73 -26.76 -12.96
N ASP A 85 -31.97 -26.54 -13.38
CA ASP A 85 -32.76 -27.55 -14.07
C ASP A 85 -33.88 -26.83 -14.82
N VAL A 86 -34.86 -27.60 -15.31
CA VAL A 86 -35.99 -27.01 -16.00
C VAL A 86 -37.05 -26.47 -15.04
N ARG A 87 -37.07 -26.97 -13.80
CA ARG A 87 -38.09 -26.53 -12.85
C ARG A 87 -37.81 -25.11 -12.35
N LEU A 88 -36.56 -24.79 -12.06
CA LEU A 88 -36.16 -23.47 -11.63
C LEU A 88 -35.14 -22.90 -12.60
N ALA A 89 -35.30 -21.62 -12.94
CA ALA A 89 -34.42 -20.94 -13.88
C ALA A 89 -33.60 -19.83 -13.22
N GLY A 90 -33.69 -19.70 -11.90
CA GLY A 90 -32.93 -18.67 -11.20
C GLY A 90 -32.50 -19.12 -9.82
N VAL A 91 -32.10 -18.16 -9.00
CA VAL A 91 -31.66 -18.45 -7.64
C VAL A 91 -32.75 -17.99 -6.67
N ILE A 92 -32.70 -18.53 -5.46
CA ILE A 92 -33.72 -18.30 -4.45
C ILE A 92 -33.18 -17.35 -3.40
N MET A 93 -34.03 -16.43 -2.95
CA MET A 93 -33.72 -15.49 -1.89
C MET A 93 -34.44 -15.90 -0.62
N ALA A 94 -33.69 -15.91 0.48
CA ALA A 94 -34.23 -16.31 1.78
C ALA A 94 -34.98 -15.15 2.39
N GLY A 95 -36.30 -15.11 2.16
CA GLY A 95 -37.09 -13.97 2.63
C GLY A 95 -37.10 -13.83 4.14
N VAL A 96 -37.25 -14.95 4.85
CA VAL A 96 -37.23 -14.91 6.31
C VAL A 96 -35.87 -14.40 6.81
N ALA A 97 -34.79 -14.82 6.15
CA ALA A 97 -33.47 -14.38 6.58
C ALA A 97 -33.23 -12.91 6.24
N ILE A 98 -33.69 -12.47 5.06
CA ILE A 98 -33.60 -11.05 4.73
C ILE A 98 -34.47 -10.23 5.69
N GLY A 99 -35.70 -10.69 5.93
CA GLY A 99 -36.57 -10.07 6.90
C GLY A 99 -37.40 -8.93 6.35
N ILE A 100 -36.76 -7.80 6.10
CA ILE A 100 -37.41 -6.62 5.54
C ILE A 100 -36.55 -6.08 4.41
N ALA A 101 -37.16 -5.89 3.24
CA ALA A 101 -36.43 -5.40 2.09
C ALA A 101 -37.41 -4.81 1.08
N THR A 102 -36.99 -3.74 0.41
CA THR A 102 -37.75 -3.19 -0.68
C THR A 102 -37.55 -4.03 -1.94
N ALA A 103 -38.38 -3.76 -2.96
CA ALA A 103 -38.26 -4.48 -4.22
C ALA A 103 -36.92 -4.20 -4.88
N ALA A 104 -36.52 -2.93 -4.90
CA ALA A 104 -35.25 -2.56 -5.53
C ALA A 104 -34.07 -3.23 -4.83
N GLN A 105 -34.14 -3.34 -3.50
CA GLN A 105 -33.04 -3.97 -2.76
C GLN A 105 -32.94 -5.45 -3.09
N ILE A 106 -34.09 -6.12 -3.26
CA ILE A 106 -34.07 -7.55 -3.60
C ILE A 106 -33.54 -7.74 -5.02
N THR A 107 -33.97 -6.89 -5.95
CA THR A 107 -33.43 -6.98 -7.31
C THR A 107 -31.93 -6.71 -7.33
N ALA A 108 -31.46 -5.79 -6.48
CA ALA A 108 -30.03 -5.54 -6.38
C ALA A 108 -29.30 -6.73 -5.79
N GLY A 109 -29.92 -7.45 -4.87
CA GLY A 109 -29.33 -8.69 -4.39
C GLY A 109 -29.20 -9.74 -5.49
N VAL A 110 -30.22 -9.82 -6.35
CA VAL A 110 -30.13 -10.71 -7.51
C VAL A 110 -28.97 -10.30 -8.40
N ALA A 111 -28.82 -8.99 -8.64
CA ALA A 111 -27.72 -8.50 -9.45
C ALA A 111 -26.37 -8.82 -8.81
N LEU A 112 -26.30 -8.74 -7.47
CA LEU A 112 -25.08 -9.09 -6.76
C LEU A 112 -24.73 -10.56 -6.99
N TYR A 113 -25.74 -11.44 -6.93
CA TYR A 113 -25.48 -12.84 -7.23
C TYR A 113 -24.93 -12.98 -8.65
N GLU A 114 -25.60 -12.39 -9.63
CA GLU A 114 -25.13 -12.51 -11.00
C GLU A 114 -23.72 -11.95 -11.16
N ALA A 115 -23.33 -11.02 -10.30
CA ALA A 115 -21.97 -10.49 -10.32
C ALA A 115 -20.98 -11.47 -9.71
N MET A 116 -21.44 -12.29 -8.76
CA MET A 116 -20.54 -13.15 -7.97
C MET A 116 -19.66 -14.04 -8.84
N LYS A 117 -20.13 -14.44 -10.03
CA LYS A 117 -19.33 -15.31 -10.89
C LYS A 117 -18.05 -14.61 -11.35
N ASN A 118 -18.21 -13.48 -12.04
CA ASN A 118 -17.05 -12.73 -12.49
C ASN A 118 -16.27 -12.16 -11.30
N ALA A 119 -16.93 -11.95 -10.17
CA ALA A 119 -16.21 -11.52 -8.97
C ALA A 119 -15.27 -12.61 -8.48
N ASP A 120 -15.72 -13.87 -8.52
CA ASP A 120 -14.85 -14.98 -8.15
C ASP A 120 -13.73 -15.15 -9.16
N ASN A 121 -14.03 -14.97 -10.45
CA ASN A 121 -12.99 -15.03 -11.47
C ASN A 121 -11.91 -13.98 -11.23
N ILE A 122 -12.33 -12.75 -10.89
CA ILE A 122 -11.37 -11.67 -10.66
C ILE A 122 -10.54 -11.96 -9.42
N ASN A 123 -11.17 -12.46 -8.36
CA ASN A 123 -10.47 -12.69 -7.10
C ASN A 123 -9.44 -13.81 -7.19
N LYS A 124 -9.45 -14.61 -8.26
CA LYS A 124 -8.36 -15.56 -8.49
C LYS A 124 -7.03 -14.84 -8.67
N LEU A 125 -7.06 -13.59 -9.11
CA LEU A 125 -5.87 -12.78 -9.33
C LEU A 125 -5.56 -11.88 -8.13
N LYS A 126 -5.91 -12.33 -6.91
CA LYS A 126 -5.77 -11.48 -5.73
C LYS A 126 -4.31 -11.15 -5.45
N SER A 127 -3.41 -12.15 -5.60
CA SER A 127 -2.00 -11.89 -5.37
C SER A 127 -1.45 -10.87 -6.36
N SER A 128 -1.94 -10.90 -7.60
CA SER A 128 -1.49 -9.94 -8.60
C SER A 128 -2.03 -8.55 -8.31
N ILE A 129 -3.25 -8.47 -7.75
CA ILE A 129 -3.84 -7.17 -7.44
C ILE A 129 -3.03 -6.45 -6.37
N GLU A 130 -2.58 -7.19 -5.35
CA GLU A 130 -1.79 -6.60 -4.29
C GLU A 130 -0.43 -6.11 -4.81
N SER A 131 0.11 -6.78 -5.83
CA SER A 131 1.44 -6.45 -6.34
C SER A 131 1.44 -5.25 -7.27
N THR A 132 0.28 -4.76 -7.69
CA THR A 132 0.24 -3.66 -8.66
C THR A 132 0.76 -2.38 -8.02
N ASN A 133 1.63 -1.68 -8.74
CA ASN A 133 2.22 -0.43 -8.28
C ASN A 133 1.99 0.72 -9.25
N GLU A 134 1.00 0.59 -10.13
CA GLU A 134 0.66 1.64 -11.08
C GLU A 134 -0.78 2.07 -10.87
N ALA A 135 -1.09 3.30 -11.29
CA ALA A 135 -2.42 3.84 -11.11
C ALA A 135 -3.45 3.04 -11.90
N VAL A 136 -3.15 2.73 -13.15
CA VAL A 136 -4.01 1.90 -13.99
C VAL A 136 -3.17 0.73 -14.50
N VAL A 137 -3.70 -0.47 -14.37
CA VAL A 137 -2.97 -1.67 -14.80
C VAL A 137 -3.97 -2.66 -15.38
N LYS A 138 -3.50 -3.44 -16.35
CA LYS A 138 -4.29 -4.45 -17.04
C LYS A 138 -3.73 -5.82 -16.74
N LEU A 139 -4.61 -6.75 -16.37
CA LEU A 139 -4.24 -8.09 -15.94
C LEU A 139 -4.70 -9.09 -16.99
N GLN A 140 -3.77 -9.90 -17.50
CA GLN A 140 -4.08 -10.95 -18.45
C GLN A 140 -3.42 -12.25 -18.03
N GLU A 141 -4.13 -13.36 -18.22
CA GLU A 141 -3.65 -14.67 -17.78
C GLU A 141 -4.01 -15.73 -18.80
N THR A 142 -5.19 -15.63 -19.40
CA THR A 142 -5.63 -16.55 -20.44
C THR A 142 -6.47 -15.83 -21.51
N ALA A 143 -6.32 -14.51 -21.62
CA ALA A 143 -7.11 -13.69 -22.53
C ALA A 143 -8.61 -13.81 -22.25
N GLU A 144 -8.96 -14.12 -21.00
CA GLU A 144 -10.36 -14.26 -20.59
C GLU A 144 -10.66 -13.21 -19.53
N LYS A 145 -11.70 -12.40 -19.79
CA LYS A 145 -12.16 -11.36 -18.89
C LYS A 145 -10.99 -10.57 -18.31
N THR A 146 -10.31 -9.80 -19.17
CA THR A 146 -9.15 -9.03 -18.74
C THR A 146 -9.52 -8.08 -17.61
N VAL A 147 -8.85 -8.23 -16.47
CA VAL A 147 -9.18 -7.49 -15.26
C VAL A 147 -8.41 -6.18 -15.25
N TYR A 148 -9.11 -5.08 -15.06
CA TYR A 148 -8.51 -3.76 -14.92
C TYR A 148 -8.50 -3.36 -13.45
N VAL A 149 -7.41 -2.73 -13.02
CA VAL A 149 -7.21 -2.37 -11.61
C VAL A 149 -6.83 -0.91 -11.52
N LEU A 150 -7.63 -0.12 -10.81
CA LEU A 150 -7.31 1.26 -10.49
C LEU A 150 -6.87 1.34 -9.04
N THR A 151 -5.76 2.04 -8.79
CA THR A 151 -5.21 2.16 -7.44
C THR A 151 -5.24 3.62 -7.01
N ALA A 152 -5.78 3.86 -5.81
CA ALA A 152 -5.88 5.22 -5.30
C ALA A 152 -4.51 5.72 -4.85
N LEU A 153 -4.23 6.99 -5.17
CA LEU A 153 -3.03 7.69 -4.72
C LEU A 153 -1.74 7.08 -5.25
N GLN A 154 -1.85 6.05 -6.10
CA GLN A 154 -0.64 5.42 -6.64
C GLN A 154 0.11 6.38 -7.55
N ASP A 155 -0.60 7.22 -8.29
CA ASP A 155 0.06 8.21 -9.14
C ASP A 155 0.80 9.25 -8.30
N TYR A 156 0.26 9.59 -7.13
CA TYR A 156 0.93 10.53 -6.24
C TYR A 156 2.18 9.91 -5.64
N ILE A 157 2.11 8.62 -5.28
CA ILE A 157 3.29 7.94 -4.74
C ILE A 157 4.39 7.88 -5.79
N ASN A 158 4.02 7.67 -7.05
CA ASN A 158 5.01 7.41 -8.09
C ASN A 158 5.61 8.70 -8.66
N THR A 159 4.85 9.78 -8.69
CA THR A 159 5.27 11.00 -9.38
C THR A 159 5.64 12.14 -8.44
N ASN A 160 5.27 12.07 -7.15
CA ASN A 160 5.48 13.19 -6.24
C ASN A 160 6.23 12.86 -4.97
N LEU A 161 6.23 11.60 -4.52
CA LEU A 161 6.93 11.23 -3.29
C LEU A 161 8.20 10.44 -3.55
N VAL A 162 8.13 9.41 -4.40
CA VAL A 162 9.35 8.68 -4.77
C VAL A 162 10.33 9.57 -5.51
N PRO A 163 9.93 10.43 -6.45
CA PRO A 163 10.93 11.32 -7.07
C PRO A 163 11.57 12.31 -6.11
N THR A 164 10.84 12.77 -5.09
CA THR A 164 11.38 13.74 -4.15
C THR A 164 11.92 13.11 -2.87
N ILE A 165 12.08 11.79 -2.84
CA ILE A 165 12.54 11.13 -1.61
C ILE A 165 13.98 11.53 -1.31
N ASP A 166 14.77 11.78 -2.34
CA ASP A 166 16.13 12.24 -2.16
C ASP A 166 16.16 13.67 -1.62
N LYS A 167 15.20 14.49 -2.05
CA LYS A 167 15.29 15.93 -1.84
C LYS A 167 14.84 16.35 -0.46
N ILE A 168 13.94 15.60 0.16
CA ILE A 168 13.39 15.99 1.46
C ILE A 168 13.64 14.87 2.47
N SER A 169 13.54 15.24 3.74
CA SER A 169 13.84 14.31 4.82
C SER A 169 12.79 13.20 4.89
N CYS A 170 13.17 12.10 5.54
CA CYS A 170 12.27 10.96 5.67
C CYS A 170 11.03 11.33 6.49
N LYS A 171 11.20 12.17 7.51
CA LYS A 171 10.05 12.60 8.30
C LYS A 171 9.12 13.49 7.47
N GLN A 172 9.70 14.35 6.63
CA GLN A 172 8.90 15.19 5.74
C GLN A 172 8.10 14.33 4.77
N THR A 173 8.74 13.31 4.18
CA THR A 173 8.04 12.42 3.26
C THR A 173 6.94 11.65 3.96
N GLU A 174 7.21 11.18 5.18
CA GLU A 174 6.20 10.45 5.95
C GLU A 174 5.00 11.32 6.25
N LEU A 175 5.24 12.57 6.68
CA LEU A 175 4.15 13.48 6.95
C LEU A 175 3.36 13.78 5.68
N SER A 176 4.04 13.95 4.54
CA SER A 176 3.33 14.19 3.29
C SER A 176 2.46 13.01 2.91
N LEU A 177 2.97 11.78 3.08
CA LEU A 177 2.19 10.58 2.80
C LEU A 177 0.97 10.49 3.70
N ASP A 178 1.15 10.74 5.00
CA ASP A 178 0.03 10.69 5.92
C ASP A 178 -1.01 11.75 5.57
N LEU A 179 -0.56 12.95 5.18
CA LEU A 179 -1.49 13.99 4.77
C LEU A 179 -2.27 13.57 3.52
N ALA A 180 -1.60 12.95 2.56
CA ALA A 180 -2.29 12.51 1.35
C ALA A 180 -3.36 11.47 1.67
N LEU A 181 -3.01 10.49 2.51
CA LEU A 181 -3.98 9.48 2.89
C LEU A 181 -5.15 10.09 3.66
N SER A 182 -4.88 11.05 4.54
CA SER A 182 -5.96 11.65 5.33
C SER A 182 -6.89 12.49 4.46
N LYS A 183 -6.33 13.22 3.48
CA LYS A 183 -7.17 13.97 2.55
C LYS A 183 -8.02 13.02 1.71
N TYR A 184 -7.42 11.90 1.28
CA TYR A 184 -8.19 10.90 0.54
C TYR A 184 -9.34 10.36 1.37
N LEU A 185 -9.11 10.14 2.67
CA LEU A 185 -10.18 9.67 3.54
C LEU A 185 -11.24 10.75 3.74
N SER A 186 -10.83 12.01 3.87
CA SER A 186 -11.79 13.09 4.05
C SER A 186 -12.69 13.23 2.83
N ASP A 187 -12.12 13.10 1.63
CA ASP A 187 -12.94 13.23 0.44
C ASP A 187 -13.76 11.97 0.16
N LEU A 188 -13.21 10.81 0.48
CA LEU A 188 -13.90 9.54 0.23
C LEU A 188 -15.04 9.32 1.22
N LEU A 189 -14.99 9.93 2.40
CA LEU A 189 -15.97 9.66 3.44
C LEU A 189 -17.37 10.12 3.04
N PHE A 190 -17.47 11.20 2.23
CA PHE A 190 -18.77 11.71 1.84
C PHE A 190 -19.59 10.69 1.08
N VAL A 191 -18.93 9.76 0.38
CA VAL A 191 -19.61 8.81 -0.49
C VAL A 191 -19.63 7.41 0.12
N PHE A 192 -18.53 6.98 0.74
CA PHE A 192 -18.39 5.62 1.23
C PHE A 192 -18.52 5.51 2.75
N GLY A 193 -18.79 6.61 3.45
CA GLY A 193 -18.96 6.58 4.88
C GLY A 193 -20.33 6.07 5.28
N PRO A 194 -20.82 6.51 6.45
CA PRO A 194 -22.16 6.11 6.89
C PRO A 194 -23.27 6.61 5.97
N ASN A 195 -22.96 7.58 5.09
CA ASN A 195 -23.94 8.06 4.12
C ASN A 195 -24.40 6.93 3.20
N LEU A 196 -23.53 5.97 2.92
CA LEU A 196 -23.86 4.82 2.08
C LEU A 196 -24.55 3.78 2.96
N GLN A 197 -25.89 3.88 3.04
CA GLN A 197 -26.64 3.02 3.94
C GLN A 197 -26.89 1.64 3.31
N ASP A 198 -27.28 1.60 2.04
CA ASP A 198 -27.63 0.36 1.36
C ASP A 198 -26.63 0.06 0.26
N PRO A 199 -25.51 -0.61 0.56
CA PRO A 199 -24.57 -0.99 -0.49
C PRO A 199 -25.13 -1.99 -1.48
N VAL A 200 -26.20 -2.69 -1.13
CA VAL A 200 -26.85 -3.62 -2.05
C VAL A 200 -27.81 -2.83 -2.92
N SER A 201 -27.26 -2.05 -3.85
CA SER A 201 -28.07 -1.23 -4.73
C SER A 201 -27.22 -0.79 -5.92
N ASN A 202 -27.78 -0.91 -7.12
CA ASN A 202 -27.14 -0.43 -8.34
C ASN A 202 -27.63 0.95 -8.74
N SER A 203 -28.05 1.77 -7.77
CA SER A 203 -28.61 3.08 -8.04
C SER A 203 -27.62 4.21 -7.86
N MET A 204 -26.41 3.93 -7.38
CA MET A 204 -25.42 4.96 -7.13
C MET A 204 -24.68 5.28 -8.44
N THR A 205 -24.59 6.57 -8.75
CA THR A 205 -23.97 6.99 -9.99
C THR A 205 -22.47 6.65 -9.99
N ILE A 206 -21.94 6.48 -11.20
CA ILE A 206 -20.52 6.15 -11.33
C ILE A 206 -19.65 7.32 -10.90
N GLN A 207 -20.14 8.55 -11.02
CA GLN A 207 -19.37 9.70 -10.55
C GLN A 207 -19.18 9.64 -9.04
N ALA A 208 -20.21 9.24 -8.30
CA ALA A 208 -20.06 9.04 -6.87
C ALA A 208 -19.16 7.85 -6.56
N ILE A 209 -19.34 6.75 -7.31
CA ILE A 209 -18.51 5.57 -7.10
C ILE A 209 -17.04 5.90 -7.30
N SER A 210 -16.73 6.78 -8.27
CA SER A 210 -15.36 7.08 -8.62
C SER A 210 -14.62 7.90 -7.56
N GLN A 211 -15.29 8.30 -6.47
CA GLN A 211 -14.59 9.05 -5.42
C GLN A 211 -13.51 8.21 -4.76
N ALA A 212 -13.66 6.88 -4.78
CA ALA A 212 -12.58 5.99 -4.37
C ALA A 212 -11.37 6.12 -5.28
N PHE A 213 -11.55 6.57 -6.51
CA PHE A 213 -10.45 6.82 -7.42
C PHE A 213 -10.35 8.31 -7.69
N GLY A 214 -10.45 9.11 -6.62
CA GLY A 214 -10.28 10.55 -6.73
C GLY A 214 -11.30 11.26 -7.61
N GLY A 215 -12.42 10.61 -7.93
CA GLY A 215 -13.41 11.23 -8.77
C GLY A 215 -13.04 11.30 -10.23
N ASN A 216 -12.03 10.54 -10.66
CA ASN A 216 -11.63 10.50 -12.07
C ASN A 216 -12.44 9.41 -12.77
N TYR A 217 -13.74 9.66 -12.89
CA TYR A 217 -14.63 8.70 -13.54
C TYR A 217 -14.37 8.59 -15.03
N GLU A 218 -13.74 9.61 -15.64
CA GLU A 218 -13.39 9.51 -17.05
C GLU A 218 -12.37 8.41 -17.28
N THR A 219 -11.34 8.33 -16.42
CA THR A 219 -10.37 7.25 -16.53
C THR A 219 -11.03 5.90 -16.26
N LEU A 220 -11.90 5.84 -15.25
CA LEU A 220 -12.58 4.58 -14.93
C LEU A 220 -13.41 4.09 -16.11
N LEU A 221 -14.12 5.00 -16.77
CA LEU A 221 -15.02 4.59 -17.85
C LEU A 221 -14.24 4.29 -19.14
N ARG A 222 -13.23 5.09 -19.47
CA ARG A 222 -12.47 4.85 -20.69
C ARG A 222 -11.58 3.61 -20.57
N THR A 223 -11.16 3.27 -19.34
CA THR A 223 -10.36 2.05 -19.15
C THR A 223 -11.17 0.82 -19.51
N LEU A 224 -12.43 0.75 -19.05
CA LEU A 224 -13.29 -0.38 -19.38
C LEU A 224 -13.66 -0.41 -20.86
N GLY A 225 -13.46 0.69 -21.58
CA GLY A 225 -13.68 0.71 -23.01
C GLY A 225 -15.04 1.18 -23.46
N TYR A 226 -15.82 1.81 -22.58
CA TYR A 226 -17.12 2.32 -22.97
C TYR A 226 -16.96 3.45 -23.98
N ALA A 227 -17.83 3.45 -24.99
CA ALA A 227 -17.80 4.48 -26.03
C ALA A 227 -19.18 4.56 -26.66
N THR A 228 -19.74 5.77 -26.72
CA THR A 228 -21.06 5.98 -27.28
C THR A 228 -21.25 7.46 -27.58
N GLU A 229 -22.14 7.74 -28.53
CA GLU A 229 -22.49 9.12 -28.84
C GLU A 229 -23.12 9.82 -27.64
N ASP A 230 -23.87 9.07 -26.82
CA ASP A 230 -24.56 9.62 -25.66
C ASP A 230 -23.77 9.44 -24.37
N PHE A 231 -22.44 9.34 -24.47
CA PHE A 231 -21.60 9.20 -23.28
C PHE A 231 -21.84 10.35 -22.31
N ASP A 232 -21.78 11.58 -22.80
CA ASP A 232 -22.01 12.74 -21.96
C ASP A 232 -23.47 12.83 -21.53
N ASP A 233 -24.40 12.49 -22.42
CA ASP A 233 -25.82 12.54 -22.07
C ASP A 233 -26.15 11.50 -21.00
N LEU A 234 -25.56 10.30 -21.12
CA LEU A 234 -25.76 9.28 -20.09
C LEU A 234 -25.10 9.69 -18.78
N LEU A 235 -23.93 10.33 -18.85
CA LEU A 235 -23.22 10.73 -17.64
C LEU A 235 -23.99 11.80 -16.88
N GLU A 236 -24.39 12.87 -17.57
CA GLU A 236 -24.98 14.02 -16.87
C GLU A 236 -26.41 13.74 -16.38
N SER A 237 -27.09 12.76 -16.97
CA SER A 237 -28.44 12.41 -16.56
C SER A 237 -28.47 11.38 -15.45
N ASP A 238 -27.31 11.06 -14.85
CA ASP A 238 -27.22 10.11 -13.74
C ASP A 238 -27.76 8.74 -14.14
N SER A 239 -27.42 8.30 -15.36
CA SER A 239 -27.88 7.02 -15.86
C SER A 239 -26.80 5.94 -15.82
N ILE A 240 -25.53 6.32 -15.74
CA ILE A 240 -24.45 5.37 -15.61
C ILE A 240 -24.19 5.14 -14.13
N THR A 241 -24.42 3.92 -13.67
CA THR A 241 -24.38 3.61 -12.25
C THR A 241 -23.42 2.45 -11.99
N GLY A 242 -23.03 2.32 -10.73
CA GLY A 242 -22.14 1.25 -10.31
C GLY A 242 -22.65 0.60 -9.04
N GLN A 243 -22.19 -0.63 -8.83
CA GLN A 243 -22.57 -1.40 -7.64
C GLN A 243 -21.35 -2.12 -7.09
N ILE A 244 -21.09 -1.95 -5.80
CA ILE A 244 -20.04 -2.71 -5.13
C ILE A 244 -20.46 -4.16 -5.06
N ILE A 245 -19.63 -5.06 -5.59
CA ILE A 245 -19.93 -6.48 -5.60
C ILE A 245 -18.96 -7.31 -4.78
N TYR A 246 -17.87 -6.72 -4.28
CA TYR A 246 -16.93 -7.45 -3.43
C TYR A 246 -16.09 -6.45 -2.66
N VAL A 247 -15.84 -6.75 -1.39
CA VAL A 247 -14.95 -5.96 -0.54
C VAL A 247 -13.98 -6.91 0.13
N ASP A 248 -12.68 -6.61 0.01
CA ASP A 248 -11.63 -7.41 0.63
C ASP A 248 -11.04 -6.59 1.78
N LEU A 249 -11.30 -7.03 3.01
CA LEU A 249 -10.78 -6.31 4.17
C LEU A 249 -9.31 -6.59 4.42
N SER A 250 -8.81 -7.73 3.95
CA SER A 250 -7.41 -8.07 4.14
C SER A 250 -6.52 -7.33 3.16
N SER A 251 -6.94 -7.22 1.90
CA SER A 251 -6.16 -6.56 0.86
C SER A 251 -6.61 -5.14 0.58
N TYR A 252 -7.73 -4.70 1.17
CA TYR A 252 -8.21 -3.33 1.06
C TYR A 252 -8.43 -2.91 -0.39
N TYR A 253 -9.19 -3.72 -1.11
CA TYR A 253 -9.62 -3.40 -2.47
C TYR A 253 -11.07 -3.80 -2.62
N ILE A 254 -11.75 -3.21 -3.61
CA ILE A 254 -13.16 -3.49 -3.87
C ILE A 254 -13.35 -3.69 -5.37
N ILE A 255 -14.42 -4.40 -5.71
CA ILE A 255 -14.81 -4.66 -7.09
C ILE A 255 -16.18 -4.03 -7.31
N VAL A 256 -16.28 -3.17 -8.31
CA VAL A 256 -17.54 -2.51 -8.64
C VAL A 256 -17.98 -2.95 -10.03
N ARG A 257 -19.29 -3.06 -10.22
CA ARG A 257 -19.90 -3.44 -11.48
C ARG A 257 -20.56 -2.20 -12.08
N VAL A 258 -20.05 -1.76 -13.22
CA VAL A 258 -20.56 -0.56 -13.87
C VAL A 258 -21.74 -0.93 -14.77
N TYR A 259 -22.87 -0.24 -14.57
CA TYR A 259 -24.07 -0.44 -15.38
C TYR A 259 -24.14 0.70 -16.39
N PHE A 260 -23.89 0.37 -17.65
CA PHE A 260 -23.85 1.36 -18.74
C PHE A 260 -25.03 1.16 -19.66
N PRO A 261 -26.09 1.96 -19.54
CA PRO A 261 -27.29 1.73 -20.37
C PRO A 261 -27.24 2.44 -21.71
N ILE A 262 -28.30 2.31 -22.50
CA ILE A 262 -28.45 3.02 -23.75
C ILE A 262 -29.76 3.78 -23.71
N LEU A 263 -29.77 4.98 -24.26
CA LEU A 263 -30.98 5.79 -24.27
C LEU A 263 -31.95 5.29 -25.33
N THR A 264 -33.22 5.19 -24.95
CA THR A 264 -34.28 4.77 -25.86
C THR A 264 -35.34 5.84 -25.95
N GLU A 265 -35.67 6.24 -27.17
CA GLU A 265 -36.71 7.23 -27.40
C GLU A 265 -38.07 6.64 -27.05
N ILE A 266 -38.79 7.32 -26.14
CA ILE A 266 -40.12 6.86 -25.78
C ILE A 266 -41.08 7.18 -26.91
N GLN A 267 -41.63 6.13 -27.53
CA GLN A 267 -42.46 6.31 -28.71
C GLN A 267 -43.77 7.00 -28.36
N GLN A 268 -44.25 7.83 -29.29
CA GLN A 268 -45.51 8.55 -29.15
C GLN A 268 -45.53 9.41 -27.90
N ALA A 269 -44.40 10.05 -27.61
CA ALA A 269 -44.29 10.90 -26.43
C ALA A 269 -43.37 12.07 -26.71
N TYR A 270 -43.78 13.25 -26.25
CA TYR A 270 -42.97 14.45 -26.34
C TYR A 270 -43.16 15.24 -25.05
N ILE A 271 -42.31 16.25 -24.86
CA ILE A 271 -42.36 17.10 -23.68
C ILE A 271 -42.35 18.55 -24.16
N GLN A 272 -43.47 19.23 -23.97
CA GLN A 272 -43.64 20.61 -24.43
C GLN A 272 -43.30 21.58 -23.31
N GLU A 273 -42.57 22.64 -23.67
CA GLU A 273 -42.18 23.67 -22.73
C GLU A 273 -42.93 24.96 -23.02
N LEU A 274 -43.31 25.67 -21.97
CA LEU A 274 -43.98 26.96 -22.08
C LEU A 274 -43.09 28.04 -21.49
N LEU A 275 -42.95 29.15 -22.21
CA LEU A 275 -42.11 30.25 -21.78
C LEU A 275 -42.96 31.28 -21.05
N PRO A 276 -42.82 31.44 -19.73
CA PRO A 276 -43.67 32.39 -19.01
C PRO A 276 -43.32 33.83 -19.35
N VAL A 277 -44.36 34.63 -19.53
CA VAL A 277 -44.26 36.06 -19.85
C VAL A 277 -45.30 36.80 -19.04
N SER A 278 -44.90 37.91 -18.42
CA SER A 278 -45.84 38.69 -17.64
C SER A 278 -46.85 39.39 -18.53
N PHE A 279 -48.12 39.31 -18.16
CA PHE A 279 -49.19 39.97 -18.89
C PHE A 279 -49.92 40.93 -17.95
N ASN A 280 -50.45 42.01 -18.53
CA ASN A 280 -51.08 43.06 -17.75
C ASN A 280 -52.57 42.83 -17.63
N ASN A 281 -53.11 43.05 -16.43
CA ASN A 281 -54.54 42.96 -16.21
C ASN A 281 -54.88 43.75 -14.95
N ASP A 282 -55.86 44.65 -15.07
CA ASP A 282 -56.33 45.48 -13.96
C ASP A 282 -55.18 46.33 -13.39
N ASN A 283 -54.47 47.00 -14.30
CA ASN A 283 -53.36 47.89 -13.95
C ASN A 283 -52.33 47.18 -13.07
N SER A 284 -52.08 45.91 -13.37
CA SER A 284 -51.15 45.11 -12.61
C SER A 284 -50.52 44.07 -13.52
N GLU A 285 -49.37 43.55 -13.09
CA GLU A 285 -48.63 42.54 -13.84
C GLU A 285 -48.83 41.18 -13.20
N TRP A 286 -48.90 40.14 -14.04
CA TRP A 286 -49.26 38.81 -13.57
C TRP A 286 -48.43 37.76 -14.30
N ILE A 287 -48.31 36.60 -13.67
CA ILE A 287 -47.63 35.44 -14.24
C ILE A 287 -48.50 34.21 -14.02
N SER A 288 -48.77 33.48 -15.09
CA SER A 288 -49.58 32.27 -14.99
C SER A 288 -48.84 31.19 -14.21
N ILE A 289 -49.47 30.67 -13.17
CA ILE A 289 -48.88 29.61 -12.35
C ILE A 289 -49.28 28.29 -13.01
N VAL A 290 -48.46 27.88 -13.97
CA VAL A 290 -48.75 26.73 -14.83
C VAL A 290 -47.49 25.93 -15.05
N PRO A 291 -47.61 24.60 -15.17
CA PRO A 291 -46.43 23.78 -15.51
C PRO A 291 -45.67 24.30 -16.71
N ASN A 292 -44.40 24.68 -16.51
CA ASN A 292 -43.57 25.11 -17.62
C ASN A 292 -43.15 23.95 -18.52
N PHE A 293 -43.19 22.72 -18.01
CA PHE A 293 -42.88 21.53 -18.79
C PHE A 293 -44.03 20.55 -18.65
N ILE A 294 -44.62 20.17 -19.79
CA ILE A 294 -45.75 19.27 -19.82
C ILE A 294 -45.34 18.02 -20.59
N LEU A 295 -45.61 16.85 -20.01
CA LEU A 295 -45.35 15.58 -20.67
C LEU A 295 -46.62 15.08 -21.34
N VAL A 296 -46.52 14.82 -22.64
CA VAL A 296 -47.62 14.23 -23.40
C VAL A 296 -47.13 12.90 -23.96
N ARG A 297 -47.86 11.83 -23.65
CA ARG A 297 -47.53 10.50 -24.17
C ARG A 297 -48.83 9.80 -24.52
N ASN A 298 -48.95 9.37 -25.77
CA ASN A 298 -50.19 8.83 -26.31
C ASN A 298 -51.34 9.83 -26.14
N THR A 299 -51.04 11.11 -26.40
CA THR A 299 -51.99 12.21 -26.26
C THR A 299 -52.58 12.30 -24.86
N LEU A 300 -51.80 11.93 -23.85
CA LEU A 300 -52.21 12.00 -22.45
C LEU A 300 -51.32 13.00 -21.72
N ILE A 301 -51.94 14.04 -21.17
CA ILE A 301 -51.19 15.10 -20.49
C ILE A 301 -50.91 14.69 -19.06
N SER A 302 -49.64 14.80 -18.65
CA SER A 302 -49.23 14.53 -17.29
C SER A 302 -48.09 15.48 -16.92
N ASN A 303 -47.95 15.73 -15.63
CA ASN A 303 -46.80 16.49 -15.15
C ASN A 303 -45.55 15.63 -15.22
N ILE A 304 -44.40 16.27 -15.05
CA ILE A 304 -43.12 15.56 -15.08
C ILE A 304 -42.17 16.23 -14.11
N GLU A 305 -41.37 15.41 -13.42
CA GLU A 305 -40.36 15.89 -12.48
C GLU A 305 -39.05 16.14 -13.24
N ILE A 306 -39.07 17.20 -14.06
CA ILE A 306 -37.93 17.59 -14.87
C ILE A 306 -36.65 17.72 -14.05
N GLY A 307 -36.76 18.15 -12.80
CA GLY A 307 -35.56 18.41 -12.01
C GLY A 307 -34.57 17.26 -11.95
N PHE A 308 -35.07 16.03 -12.05
CA PHE A 308 -34.21 14.84 -12.04
C PHE A 308 -33.79 14.41 -13.43
N CYS A 309 -34.13 15.17 -14.45
CA CYS A 309 -33.81 14.84 -15.84
C CYS A 309 -32.79 15.82 -16.40
N LEU A 310 -32.11 15.38 -17.45
CA LEU A 310 -31.23 16.23 -18.24
C LEU A 310 -32.01 16.81 -19.40
N ILE A 311 -32.06 18.13 -19.49
CA ILE A 311 -32.72 18.82 -20.60
C ILE A 311 -31.66 19.22 -21.62
N THR A 312 -31.79 18.69 -22.84
CA THR A 312 -31.02 19.15 -23.97
C THR A 312 -31.93 19.88 -24.94
N LYS A 313 -31.33 20.48 -25.97
CA LYS A 313 -32.13 21.22 -26.94
C LYS A 313 -33.04 20.28 -27.73
N ARG A 314 -32.63 19.04 -27.95
CA ARG A 314 -33.39 18.11 -28.78
C ARG A 314 -34.36 17.25 -27.99
N SER A 315 -34.01 16.86 -26.76
CA SER A 315 -34.80 15.87 -26.04
C SER A 315 -34.59 16.03 -24.54
N VAL A 316 -35.41 15.32 -23.78
CA VAL A 316 -35.32 15.25 -22.33
C VAL A 316 -34.88 13.85 -21.95
N ILE A 317 -33.74 13.75 -21.28
CA ILE A 317 -33.13 12.47 -20.95
C ILE A 317 -33.29 12.22 -19.46
N CYS A 318 -33.87 11.08 -19.10
CA CYS A 318 -34.12 10.72 -17.72
C CYS A 318 -33.66 9.30 -17.46
N ASN A 319 -33.22 9.04 -16.22
CA ASN A 319 -32.81 7.69 -15.81
C ASN A 319 -33.97 6.83 -15.34
N GLN A 320 -35.20 7.35 -15.40
CA GLN A 320 -36.42 6.58 -15.15
C GLN A 320 -37.59 7.41 -15.65
N ASP A 321 -38.80 6.86 -15.53
CA ASP A 321 -40.01 7.59 -15.89
C ASP A 321 -40.38 8.53 -14.74
N TYR A 322 -40.25 9.83 -14.96
CA TYR A 322 -40.56 10.83 -13.96
C TYR A 322 -41.91 11.50 -14.19
N ALA A 323 -42.88 10.75 -14.69
CA ALA A 323 -44.21 11.30 -14.91
C ALA A 323 -45.01 11.33 -13.61
N THR A 324 -45.78 12.39 -13.43
CA THR A 324 -46.62 12.58 -12.26
C THR A 324 -48.02 13.00 -12.71
N PRO A 325 -49.04 12.69 -11.91
CA PRO A 325 -50.40 13.06 -12.31
C PRO A 325 -50.63 14.56 -12.25
N MET A 326 -51.67 14.99 -12.94
CA MET A 326 -52.06 16.40 -13.02
C MET A 326 -53.53 16.52 -12.63
N THR A 327 -53.84 17.50 -11.79
CA THR A 327 -55.23 17.73 -11.40
C THR A 327 -56.05 18.08 -12.63
N ASN A 328 -57.36 17.80 -12.55
CA ASN A 328 -58.21 17.98 -13.71
C ASN A 328 -58.38 19.45 -14.10
N ASN A 329 -58.28 20.36 -13.12
CA ASN A 329 -58.42 21.78 -13.45
C ASN A 329 -57.23 22.28 -14.25
N MET A 330 -56.01 21.89 -13.87
CA MET A 330 -54.84 22.25 -14.64
C MET A 330 -54.90 21.68 -16.04
N ARG A 331 -55.36 20.43 -16.16
CA ARG A 331 -55.50 19.80 -17.46
C ARG A 331 -56.58 20.48 -18.30
N GLU A 332 -57.65 20.97 -17.67
CA GLU A 332 -58.68 21.69 -18.40
C GLU A 332 -58.20 23.06 -18.85
N CYS A 333 -57.32 23.69 -18.06
CA CYS A 333 -56.78 24.98 -18.50
C CYS A 333 -55.82 24.80 -19.66
N LEU A 334 -54.84 23.90 -19.52
CA LEU A 334 -54.01 23.54 -20.66
C LEU A 334 -54.87 23.07 -21.84
N THR A 335 -56.04 22.49 -21.55
CA THR A 335 -56.97 22.11 -22.61
C THR A 335 -57.55 23.34 -23.30
N GLY A 336 -57.69 24.44 -22.58
CA GLY A 336 -58.17 25.65 -23.21
C GLY A 336 -59.11 26.48 -22.36
N SER A 337 -59.31 26.09 -21.11
CA SER A 337 -60.17 26.83 -20.18
C SER A 337 -59.29 27.75 -19.34
N THR A 338 -58.94 28.91 -19.92
CA THR A 338 -57.98 29.81 -19.31
C THR A 338 -58.39 30.31 -17.93
N GLU A 339 -59.69 30.32 -17.63
CA GLU A 339 -60.14 30.72 -16.29
C GLU A 339 -59.76 29.70 -15.24
N LYS A 340 -59.24 28.53 -15.63
CA LYS A 340 -58.82 27.51 -14.68
C LYS A 340 -57.37 27.64 -14.27
N CYS A 341 -56.54 28.31 -15.06
CA CYS A 341 -55.15 28.55 -14.67
C CYS A 341 -55.06 29.73 -13.74
N PRO A 342 -54.48 29.57 -12.55
CA PRO A 342 -54.28 30.72 -11.66
C PRO A 342 -53.17 31.63 -12.16
N ARG A 343 -53.08 32.79 -11.53
CA ARG A 343 -52.03 33.75 -11.82
C ARG A 343 -51.50 34.32 -10.51
N GLU A 344 -50.35 34.99 -10.59
CA GLU A 344 -49.72 35.55 -9.40
C GLU A 344 -49.23 36.95 -9.71
N LEU A 345 -49.39 37.84 -8.73
CA LEU A 345 -48.95 39.23 -8.88
C LEU A 345 -47.45 39.29 -9.12
N VAL A 346 -47.04 40.18 -10.02
CA VAL A 346 -45.64 40.44 -10.31
C VAL A 346 -45.25 41.74 -9.61
N VAL A 347 -44.38 41.64 -8.60
CA VAL A 347 -43.86 42.81 -7.92
C VAL A 347 -42.38 43.03 -8.16
N SER A 348 -41.68 42.04 -8.72
CA SER A 348 -40.25 42.15 -8.96
C SER A 348 -39.96 43.04 -10.16
N SER A 349 -38.88 43.81 -10.08
CA SER A 349 -38.47 44.65 -11.19
C SER A 349 -37.99 43.85 -12.39
N HIS A 350 -37.63 42.59 -12.19
CA HIS A 350 -37.05 41.77 -13.24
C HIS A 350 -37.87 40.48 -13.38
N VAL A 351 -38.56 40.34 -14.50
CA VAL A 351 -39.38 39.18 -14.81
C VAL A 351 -39.53 39.16 -16.32
N PRO A 352 -39.56 37.99 -16.97
CA PRO A 352 -39.71 37.98 -18.44
C PRO A 352 -41.01 38.61 -18.89
N ARG A 353 -40.90 39.64 -19.73
CA ARG A 353 -42.05 40.38 -20.21
C ARG A 353 -42.28 40.24 -21.71
N PHE A 354 -41.47 39.44 -22.41
CA PHE A 354 -41.77 39.08 -23.79
C PHE A 354 -41.03 37.80 -24.14
N ALA A 355 -41.49 37.16 -25.21
CA ALA A 355 -40.88 35.94 -25.71
C ALA A 355 -41.10 35.86 -27.22
N LEU A 356 -40.42 34.91 -27.84
CA LEU A 356 -40.41 34.79 -29.29
C LEU A 356 -40.68 33.33 -29.65
N SER A 357 -41.76 33.09 -30.38
CA SER A 357 -42.13 31.75 -30.81
C SER A 357 -42.57 31.78 -32.27
N ASN A 358 -41.94 30.94 -33.10
CA ASN A 358 -42.24 30.86 -34.52
C ASN A 358 -42.08 32.23 -35.19
N GLY A 359 -41.02 32.95 -34.81
CA GLY A 359 -40.75 34.25 -35.37
C GLY A 359 -41.71 35.35 -34.99
N VAL A 360 -42.65 35.07 -34.08
CA VAL A 360 -43.67 36.02 -33.67
C VAL A 360 -43.43 36.41 -32.22
N LEU A 361 -43.60 37.69 -31.92
CA LEU A 361 -43.37 38.21 -30.57
C LEU A 361 -44.65 38.22 -29.76
N PHE A 362 -44.49 38.05 -28.44
CA PHE A 362 -45.59 38.10 -27.48
C PHE A 362 -45.11 38.96 -26.32
N ALA A 363 -45.39 40.26 -26.37
CA ALA A 363 -44.78 41.24 -25.49
C ALA A 363 -45.82 41.96 -24.65
N ASN A 364 -45.46 42.21 -23.39
CA ASN A 364 -46.24 43.07 -22.51
C ASN A 364 -45.81 44.51 -22.79
N CYS A 365 -46.41 45.09 -23.83
CA CYS A 365 -46.01 46.43 -24.28
C CYS A 365 -46.45 47.54 -23.34
N ILE A 366 -47.08 47.21 -22.22
CA ILE A 366 -47.32 48.20 -21.19
C ILE A 366 -46.12 48.30 -20.26
N SER A 367 -45.53 47.15 -19.91
CA SER A 367 -44.35 47.15 -19.05
C SER A 367 -43.10 47.55 -19.82
N VAL A 368 -42.90 46.98 -21.00
CA VAL A 368 -41.75 47.29 -21.83
C VAL A 368 -42.16 48.32 -22.87
N THR A 369 -41.17 48.94 -23.49
CA THR A 369 -41.40 49.91 -24.56
C THR A 369 -41.29 49.18 -25.90
N CYS A 370 -42.41 49.04 -26.59
CA CYS A 370 -42.46 48.43 -27.90
C CYS A 370 -42.50 49.52 -28.97
N GLN A 371 -41.54 49.46 -29.90
CA GLN A 371 -41.46 50.41 -31.00
C GLN A 371 -41.28 49.64 -32.30
N CYS A 372 -41.85 50.17 -33.37
CA CYS A 372 -41.76 49.56 -34.69
C CYS A 372 -40.67 50.27 -35.49
N GLN A 373 -39.58 49.54 -35.78
CA GLN A 373 -38.48 50.15 -36.50
C GLN A 373 -38.84 50.43 -37.95
N THR A 374 -39.78 49.67 -38.52
CA THR A 374 -40.16 49.88 -39.92
C THR A 374 -40.96 51.16 -40.10
N THR A 375 -42.05 51.31 -39.34
CA THR A 375 -42.89 52.50 -39.45
C THR A 375 -42.30 53.69 -38.70
N GLY A 376 -41.40 53.46 -37.75
CA GLY A 376 -40.85 54.53 -36.94
C GLY A 376 -41.75 55.05 -35.86
N ARG A 377 -42.92 54.45 -35.66
CA ARG A 377 -43.86 54.85 -34.63
C ARG A 377 -43.89 53.82 -33.52
N ALA A 378 -44.38 54.24 -32.36
CA ALA A 378 -44.39 53.37 -31.20
C ALA A 378 -45.51 52.34 -31.32
N ILE A 379 -45.32 51.22 -30.62
CA ILE A 379 -46.31 50.17 -30.54
C ILE A 379 -46.96 50.25 -29.15
N SER A 380 -48.24 50.62 -29.12
CA SER A 380 -48.95 50.83 -27.88
C SER A 380 -49.93 49.69 -27.62
N GLN A 381 -50.13 49.39 -26.33
CA GLN A 381 -51.02 48.32 -25.90
C GLN A 381 -52.03 48.88 -24.91
N SER A 382 -53.31 48.68 -25.19
CA SER A 382 -54.36 49.18 -24.31
C SER A 382 -54.44 48.35 -23.03
N GLY A 383 -55.20 48.85 -22.07
CA GLY A 383 -55.32 48.16 -20.79
C GLY A 383 -56.19 46.93 -20.86
N GLU A 384 -57.14 46.88 -21.81
CA GLU A 384 -58.05 45.75 -21.89
C GLU A 384 -57.35 44.48 -22.36
N GLN A 385 -56.27 44.62 -23.13
CA GLN A 385 -55.56 43.46 -23.65
C GLN A 385 -54.41 43.08 -22.72
N THR A 386 -54.25 41.78 -22.53
CA THR A 386 -53.22 41.27 -21.62
C THR A 386 -51.84 41.28 -22.27
N LEU A 387 -51.70 40.64 -23.43
CA LEU A 387 -50.46 40.60 -24.17
C LEU A 387 -50.67 41.22 -25.54
N LEU A 388 -49.55 41.43 -26.24
CA LEU A 388 -49.56 41.94 -27.60
C LEU A 388 -48.82 40.96 -28.49
N MET A 389 -49.48 40.52 -29.56
CA MET A 389 -48.85 39.70 -30.59
C MET A 389 -48.35 40.61 -31.69
N ILE A 390 -47.03 40.58 -31.93
CA ILE A 390 -46.40 41.41 -32.95
C ILE A 390 -45.83 40.48 -34.02
N ASP A 391 -46.19 40.74 -35.26
CA ASP A 391 -45.76 39.89 -36.37
C ASP A 391 -45.60 40.76 -37.62
N ASN A 392 -45.58 40.12 -38.78
CA ASN A 392 -45.24 40.85 -40.01
C ASN A 392 -46.37 41.76 -40.45
N THR A 393 -47.60 41.44 -40.08
CA THR A 393 -48.73 42.28 -40.45
C THR A 393 -48.69 43.61 -39.71
N THR A 394 -48.32 43.59 -38.44
CA THR A 394 -48.23 44.82 -37.65
C THR A 394 -46.89 45.50 -37.84
N CYS A 395 -45.80 44.75 -37.70
CA CYS A 395 -44.48 45.36 -37.67
C CYS A 395 -43.41 44.41 -38.21
N PRO A 396 -42.85 44.69 -39.39
CA PRO A 396 -41.80 43.81 -39.93
C PRO A 396 -40.54 43.76 -39.07
N THR A 397 -40.18 44.85 -38.42
CA THR A 397 -38.95 44.93 -37.62
C THR A 397 -39.28 45.64 -36.31
N ALA A 398 -39.37 44.88 -35.23
CA ALA A 398 -39.74 45.43 -33.93
C ALA A 398 -38.51 45.77 -33.10
N VAL A 399 -38.70 46.68 -32.15
CA VAL A 399 -37.65 47.13 -31.25
C VAL A 399 -38.17 46.99 -29.83
N LEU A 400 -37.63 46.03 -29.09
CA LEU A 400 -37.99 45.79 -27.69
C LEU A 400 -36.83 46.24 -26.82
N GLY A 401 -37.00 47.36 -26.13
CA GLY A 401 -35.93 47.94 -25.36
C GLY A 401 -34.79 48.37 -26.26
N ASN A 402 -33.67 47.64 -26.21
CA ASN A 402 -32.53 47.90 -27.08
C ASN A 402 -32.25 46.74 -28.04
N VAL A 403 -33.16 45.79 -28.17
CA VAL A 403 -33.00 44.69 -29.13
C VAL A 403 -33.88 44.97 -30.33
N ILE A 404 -33.32 44.80 -31.52
CA ILE A 404 -34.05 44.98 -32.77
C ILE A 404 -34.17 43.62 -33.43
N ILE A 405 -35.40 43.12 -33.55
CA ILE A 405 -35.63 41.78 -34.07
C ILE A 405 -36.65 41.87 -35.20
N SER A 406 -36.32 41.22 -36.31
CA SER A 406 -37.26 41.05 -37.41
C SER A 406 -38.18 39.86 -37.12
N LEU A 407 -39.42 39.97 -37.59
CA LEU A 407 -40.47 39.04 -37.22
C LEU A 407 -40.98 38.27 -38.43
N GLY A 408 -41.68 37.17 -38.14
CA GLY A 408 -42.40 36.40 -39.14
C GLY A 408 -43.86 36.75 -39.16
N LYS A 409 -44.67 35.81 -39.64
CA LYS A 409 -46.12 35.98 -39.72
C LYS A 409 -46.80 35.03 -38.76
N TYR A 410 -47.75 35.55 -37.99
CA TYR A 410 -48.50 34.72 -37.05
C TYR A 410 -49.52 33.86 -37.79
N LEU A 411 -49.67 32.62 -37.35
CA LEU A 411 -50.53 31.65 -38.02
C LEU A 411 -51.85 31.41 -37.29
N GLY A 412 -52.11 32.13 -36.21
CA GLY A 412 -53.34 31.99 -35.45
C GLY A 412 -54.45 32.86 -35.99
N SER A 413 -55.36 33.24 -35.09
CA SER A 413 -56.47 34.11 -35.47
C SER A 413 -55.93 35.45 -35.95
N VAL A 414 -56.55 35.97 -37.02
CA VAL A 414 -56.10 37.23 -37.60
C VAL A 414 -56.35 38.38 -36.63
N ASN A 415 -57.37 38.25 -35.78
CA ASN A 415 -57.72 39.29 -34.80
C ASN A 415 -57.28 38.90 -33.40
N TYR A 416 -56.09 38.30 -33.27
CA TYR A 416 -55.58 37.88 -31.96
C TYR A 416 -55.66 39.01 -30.95
N ASN A 417 -55.12 40.18 -31.30
CA ASN A 417 -55.11 41.31 -30.38
C ASN A 417 -56.49 41.89 -30.12
N SER A 418 -57.50 41.46 -30.87
CA SER A 418 -58.85 41.99 -30.74
C SER A 418 -59.81 41.04 -30.05
N GLU A 419 -59.46 39.77 -29.87
CA GLU A 419 -60.42 38.80 -29.36
C GLU A 419 -60.49 38.80 -27.84
N GLY A 420 -59.37 38.60 -27.17
CA GLY A 420 -59.34 38.59 -25.72
C GLY A 420 -59.87 37.28 -25.14
N ILE A 421 -59.53 37.04 -23.87
CA ILE A 421 -59.87 35.80 -23.18
C ILE A 421 -60.19 36.10 -21.71
N ALA A 422 -60.63 35.07 -21.00
CA ALA A 422 -61.03 35.20 -19.61
C ALA A 422 -59.86 34.85 -18.70
N ILE A 423 -59.52 35.77 -17.80
CA ILE A 423 -58.40 35.57 -16.89
C ILE A 423 -58.83 34.66 -15.76
N GLY A 424 -57.88 33.87 -15.26
CA GLY A 424 -58.13 32.97 -14.17
C GLY A 424 -58.15 33.68 -12.82
N PRO A 425 -57.99 32.91 -11.75
CA PRO A 425 -57.97 33.51 -10.40
C PRO A 425 -56.56 33.79 -9.94
N PRO A 426 -56.37 34.77 -9.07
CA PRO A 426 -55.03 35.02 -8.52
C PRO A 426 -54.71 34.10 -7.35
N VAL A 427 -53.42 33.78 -7.21
CA VAL A 427 -52.93 32.92 -6.13
C VAL A 427 -51.65 33.51 -5.56
N PHE A 428 -51.20 32.90 -4.46
CA PHE A 428 -49.95 33.27 -3.79
C PHE A 428 -49.21 31.98 -3.49
N THR A 429 -47.99 31.86 -4.03
CA THR A 429 -47.25 30.60 -3.99
C THR A 429 -46.23 30.53 -2.86
N ASP A 430 -46.07 31.59 -2.07
CA ASP A 430 -45.14 31.56 -0.96
C ASP A 430 -45.55 30.51 0.05
N LYS A 431 -44.57 29.92 0.73
CA LYS A 431 -44.82 28.79 1.62
C LYS A 431 -45.67 29.20 2.81
N VAL A 432 -45.17 30.15 3.61
CA VAL A 432 -45.96 30.64 4.73
C VAL A 432 -47.27 31.26 4.26
N ASP A 433 -47.26 31.84 3.05
CA ASP A 433 -48.51 32.35 2.49
C ASP A 433 -49.47 31.21 2.19
N ILE A 434 -48.96 30.07 1.71
CA ILE A 434 -49.83 28.92 1.45
C ILE A 434 -50.44 28.42 2.75
N SER A 435 -49.63 28.35 3.82
CA SER A 435 -50.18 27.94 5.11
C SER A 435 -51.24 28.91 5.59
N SER A 436 -50.99 30.22 5.43
CA SER A 436 -51.98 31.23 5.83
C SER A 436 -53.28 31.08 5.05
N GLN A 437 -53.18 30.86 3.74
CA GLN A 437 -54.37 30.67 2.92
C GLN A 437 -55.15 29.44 3.35
N ILE A 438 -54.46 28.33 3.61
CA ILE A 438 -55.13 27.13 4.10
C ILE A 438 -55.86 27.42 5.40
N SER A 439 -55.21 28.12 6.32
CA SER A 439 -55.83 28.36 7.63
C SER A 439 -57.04 29.27 7.51
N SER A 440 -56.93 30.34 6.72
CA SER A 440 -58.08 31.21 6.51
C SER A 440 -59.22 30.45 5.84
N MET A 441 -58.89 29.47 4.99
CA MET A 441 -59.92 28.65 4.39
C MET A 441 -60.62 27.79 5.42
N ASN A 442 -59.86 27.18 6.34
CA ASN A 442 -60.52 26.40 7.38
C ASN A 442 -61.44 27.28 8.22
N GLN A 443 -61.02 28.51 8.49
CA GLN A 443 -61.86 29.40 9.29
C GLN A 443 -63.13 29.79 8.55
N SER A 444 -63.03 30.10 7.25
CA SER A 444 -64.21 30.44 6.48
C SER A 444 -65.17 29.25 6.38
N LEU A 445 -64.62 28.07 6.07
CA LEU A 445 -65.45 26.87 5.97
C LEU A 445 -66.13 26.57 7.30
N GLN A 446 -65.44 26.79 8.41
CA GLN A 446 -66.02 26.50 9.71
C GLN A 446 -67.11 27.50 10.05
N GLN A 447 -66.91 28.78 9.72
CA GLN A 447 -67.97 29.75 9.93
C GLN A 447 -69.21 29.39 9.11
N SER A 448 -69.01 28.95 7.87
CA SER A 448 -70.15 28.56 7.03
C SER A 448 -70.87 27.33 7.60
N LYS A 449 -70.11 26.33 8.05
CA LYS A 449 -70.72 25.14 8.63
C LYS A 449 -71.48 25.48 9.91
N ASP A 450 -70.93 26.37 10.73
CA ASP A 450 -71.61 26.77 11.96
C ASP A 450 -72.87 27.57 11.66
N TYR A 451 -72.86 28.37 10.59
CA TYR A 451 -74.11 29.02 10.16
C TYR A 451 -75.13 28.00 9.70
N ILE A 452 -74.68 26.97 8.98
CA ILE A 452 -75.59 25.91 8.55
C ILE A 452 -76.18 25.19 9.76
N LYS A 453 -75.40 25.05 10.83
CA LYS A 453 -75.90 24.43 12.04
C LYS A 453 -76.98 25.29 12.70
N GLU A 454 -76.84 26.61 12.62
CA GLU A 454 -77.85 27.50 13.18
C GLU A 454 -79.13 27.45 12.36
N ALA A 455 -79.02 27.32 11.04
CA ALA A 455 -80.18 27.25 10.17
C ALA A 455 -80.75 25.84 10.14
N THR B 2 4.29 -18.17 3.01
CA THR B 2 5.23 -17.26 3.65
C THR B 2 6.29 -16.77 2.66
N GLY B 3 7.31 -16.09 3.19
CA GLY B 3 8.40 -15.56 2.38
C GLY B 3 9.69 -16.29 2.68
N VAL B 4 10.37 -16.73 1.62
CA VAL B 4 11.64 -17.42 1.72
C VAL B 4 12.56 -16.89 0.64
N MET B 5 13.87 -17.06 0.85
CA MET B 5 14.89 -16.56 -0.07
C MET B 5 15.82 -17.71 -0.44
N THR B 6 15.82 -18.08 -1.72
CA THR B 6 16.69 -19.12 -2.25
C THR B 6 17.92 -18.43 -2.85
N GLN B 7 19.03 -18.46 -2.12
CA GLN B 7 20.27 -17.80 -2.54
C GLN B 7 21.27 -18.86 -2.98
N THR B 8 21.76 -18.72 -4.20
CA THR B 8 22.75 -19.61 -4.80
C THR B 8 23.96 -18.81 -5.27
N PRO B 9 25.16 -19.39 -5.18
CA PRO B 9 25.47 -20.69 -4.58
C PRO B 9 25.93 -20.55 -3.13
N ALA B 10 25.99 -21.66 -2.40
CA ALA B 10 26.39 -21.61 -0.99
C ALA B 10 27.82 -21.10 -0.85
N SER B 11 28.73 -21.57 -1.70
CA SER B 11 30.11 -21.10 -1.70
C SER B 11 30.61 -21.08 -3.14
N VAL B 12 31.69 -20.34 -3.36
CA VAL B 12 32.21 -20.13 -4.70
C VAL B 12 33.67 -19.71 -4.61
N GLU B 13 34.45 -20.12 -5.61
CA GLU B 13 35.87 -19.79 -5.70
C GLU B 13 36.13 -18.98 -6.96
N ALA B 14 36.94 -17.94 -6.84
CA ALA B 14 37.28 -17.10 -7.98
C ALA B 14 38.61 -16.42 -7.72
N ALA B 15 39.41 -16.27 -8.76
CA ALA B 15 40.74 -15.70 -8.62
C ALA B 15 40.66 -14.17 -8.51
N VAL B 16 41.75 -13.59 -8.00
CA VAL B 16 41.82 -12.14 -7.86
C VAL B 16 41.78 -11.49 -9.22
N GLY B 17 40.91 -10.49 -9.38
CA GLY B 17 40.72 -9.83 -10.65
C GLY B 17 39.57 -10.35 -11.47
N GLY B 18 38.96 -11.46 -11.07
CA GLY B 18 37.83 -12.02 -11.79
C GLY B 18 36.51 -11.47 -11.29
N THR B 19 35.43 -12.04 -11.83
CA THR B 19 34.08 -11.64 -11.48
C THR B 19 33.31 -12.83 -10.94
N VAL B 20 32.52 -12.58 -9.90
CA VAL B 20 31.71 -13.62 -9.26
C VAL B 20 30.26 -13.14 -9.25
N THR B 21 29.33 -14.08 -9.47
CA THR B 21 27.91 -13.78 -9.58
C THR B 21 27.15 -14.54 -8.51
N ILE B 22 26.43 -13.81 -7.66
CA ILE B 22 25.55 -14.40 -6.65
C ILE B 22 24.11 -14.10 -7.06
N LYS B 23 23.21 -15.04 -6.78
CA LYS B 23 21.82 -14.94 -7.18
C LYS B 23 20.91 -15.18 -5.98
N CYS B 24 19.84 -14.40 -5.89
CA CYS B 24 18.83 -14.54 -4.85
C CYS B 24 17.46 -14.67 -5.49
N GLN B 25 16.68 -15.64 -5.02
CA GLN B 25 15.35 -15.92 -5.54
C GLN B 25 14.32 -15.75 -4.43
N ALA B 26 13.29 -14.96 -4.69
CA ALA B 26 12.23 -14.72 -3.73
C ALA B 26 11.00 -15.54 -4.10
N SER B 27 10.34 -16.10 -3.07
CA SER B 27 9.14 -16.88 -3.31
C SER B 27 8.02 -16.02 -3.89
N GLN B 28 7.99 -14.74 -3.56
CA GLN B 28 6.98 -13.82 -4.03
C GLN B 28 7.64 -12.60 -4.66
N ASN B 29 6.86 -11.87 -5.45
CA ASN B 29 7.34 -10.63 -6.04
C ASN B 29 7.63 -9.62 -4.92
N ILE B 30 8.81 -8.99 -4.98
CA ILE B 30 9.20 -8.01 -3.98
C ILE B 30 9.45 -6.63 -4.58
N ILE B 31 9.27 -6.47 -5.90
CA ILE B 31 9.27 -5.17 -6.57
C ILE B 31 10.51 -4.37 -6.20
N SER B 32 11.69 -4.89 -6.56
CA SER B 32 12.95 -4.18 -6.41
C SER B 32 13.25 -3.78 -4.96
N SER B 33 12.63 -4.44 -3.98
CA SER B 33 12.90 -4.14 -2.58
C SER B 33 13.81 -5.22 -1.98
N LEU B 34 15.06 -5.19 -2.44
CA LEU B 34 16.08 -6.15 -2.02
C LEU B 34 17.33 -5.42 -1.59
N ALA B 35 18.00 -5.94 -0.57
CA ALA B 35 19.26 -5.41 -0.09
C ALA B 35 20.35 -6.46 -0.17
N TRP B 36 21.60 -6.01 -0.16
CA TRP B 36 22.77 -6.87 -0.17
C TRP B 36 23.72 -6.43 0.93
N TYR B 37 24.18 -7.39 1.74
CA TYR B 37 25.08 -7.11 2.85
C TYR B 37 26.39 -7.88 2.70
N GLN B 38 27.44 -7.32 3.27
CA GLN B 38 28.75 -7.97 3.38
C GLN B 38 29.02 -8.27 4.84
N GLN B 39 29.47 -9.49 5.13
CA GLN B 39 29.83 -9.86 6.50
C GLN B 39 31.11 -10.66 6.48
N LYS B 40 32.13 -10.17 7.19
CA LYS B 40 33.39 -10.83 7.44
C LYS B 40 33.35 -11.51 8.81
N PRO B 41 34.00 -12.67 8.95
CA PRO B 41 33.91 -13.42 10.21
C PRO B 41 34.32 -12.58 11.42
N GLY B 42 33.55 -12.73 12.50
CA GLY B 42 33.81 -11.96 13.70
C GLY B 42 33.53 -10.48 13.58
N GLN B 43 32.69 -10.09 12.63
CA GLN B 43 32.37 -8.67 12.40
C GLN B 43 30.88 -8.52 12.14
N ARG B 44 30.40 -7.30 12.36
CA ARG B 44 29.02 -6.97 12.03
C ARG B 44 28.87 -6.83 10.51
N PRO B 45 27.66 -7.05 9.99
CA PRO B 45 27.45 -6.90 8.55
C PRO B 45 27.66 -5.47 8.10
N LYS B 46 27.99 -5.31 6.82
CA LYS B 46 28.18 -4.01 6.21
C LYS B 46 27.25 -3.89 5.01
N LEU B 47 26.45 -2.83 5.00
CA LEU B 47 25.49 -2.63 3.92
C LEU B 47 26.24 -2.36 2.60
N LEU B 48 25.79 -3.03 1.54
CA LEU B 48 26.41 -2.88 0.22
C LEU B 48 25.45 -2.23 -0.78
N ILE B 49 24.27 -2.81 -0.98
CA ILE B 49 23.33 -2.37 -2.00
C ILE B 49 21.92 -2.40 -1.42
N TYR B 50 21.15 -1.36 -1.69
CA TYR B 50 19.73 -1.34 -1.36
C TYR B 50 18.92 -1.02 -2.61
N TYR B 51 17.66 -1.47 -2.61
CA TYR B 51 16.78 -1.37 -3.77
C TYR B 51 17.40 -2.01 -5.01
N ALA B 52 18.10 -3.12 -4.80
CA ALA B 52 18.59 -4.01 -5.85
C ALA B 52 19.67 -3.37 -6.72
N SER B 53 19.72 -2.03 -6.80
CA SER B 53 20.62 -1.38 -7.75
C SER B 53 21.41 -0.25 -7.09
N THR B 54 20.78 0.45 -6.17
CA THR B 54 21.42 1.61 -5.55
C THR B 54 22.57 1.15 -4.65
N LEU B 55 23.74 1.72 -4.86
CA LEU B 55 24.92 1.38 -4.09
C LEU B 55 24.97 2.23 -2.83
N ALA B 56 25.25 1.58 -1.70
CA ALA B 56 25.41 2.31 -0.44
C ALA B 56 26.60 3.25 -0.53
N SER B 57 26.54 4.32 0.26
CA SER B 57 27.59 5.33 0.22
C SER B 57 28.92 4.76 0.67
N GLY B 58 29.97 5.04 -0.10
CA GLY B 58 31.30 4.56 0.21
C GLY B 58 31.56 3.13 -0.21
N VAL B 59 30.74 2.55 -1.05
CA VAL B 59 30.89 1.17 -1.52
C VAL B 59 31.49 1.21 -2.92
N PRO B 60 32.54 0.43 -3.20
CA PRO B 60 33.15 0.46 -4.53
C PRO B 60 32.15 0.07 -5.62
N SER B 61 32.36 0.64 -6.81
CA SER B 61 31.43 0.47 -7.92
C SER B 61 31.48 -0.93 -8.53
N ARG B 62 32.49 -1.73 -8.21
CA ARG B 62 32.59 -3.07 -8.79
C ARG B 62 31.50 -3.99 -8.28
N PHE B 63 30.91 -3.72 -7.12
CA PHE B 63 29.71 -4.39 -6.67
C PHE B 63 28.52 -3.85 -7.46
N LYS B 64 27.88 -4.73 -8.23
CA LYS B 64 26.76 -4.34 -9.08
C LYS B 64 25.58 -5.25 -8.80
N GLY B 65 24.45 -4.65 -8.43
CA GLY B 65 23.22 -5.39 -8.23
C GLY B 65 22.27 -5.21 -9.40
N SER B 66 21.41 -6.20 -9.60
CA SER B 66 20.45 -6.16 -10.69
C SER B 66 19.28 -7.06 -10.34
N GLY B 67 18.17 -6.86 -11.04
CA GLY B 67 17.02 -7.72 -10.88
C GLY B 67 15.74 -7.00 -10.49
N SER B 68 14.62 -7.69 -10.62
CA SER B 68 13.31 -7.15 -10.28
C SER B 68 12.33 -8.30 -10.11
N GLY B 69 11.48 -8.20 -9.10
CA GLY B 69 10.44 -9.18 -8.90
C GLY B 69 10.90 -10.43 -8.16
N THR B 70 11.12 -11.51 -8.89
CA THR B 70 11.51 -12.78 -8.28
C THR B 70 13.00 -13.06 -8.34
N GLN B 71 13.68 -12.60 -9.38
CA GLN B 71 15.07 -12.94 -9.63
C GLN B 71 15.96 -11.71 -9.46
N PHE B 72 17.05 -11.88 -8.73
CA PHE B 72 18.03 -10.82 -8.54
C PHE B 72 19.43 -11.42 -8.57
N THR B 73 20.40 -10.61 -9.00
CA THR B 73 21.79 -11.04 -9.08
C THR B 73 22.68 -10.01 -8.39
N LEU B 74 23.85 -10.47 -7.95
CA LEU B 74 24.88 -9.61 -7.37
C LEU B 74 26.21 -9.99 -8.01
N THR B 75 26.86 -9.02 -8.66
CA THR B 75 28.07 -9.25 -9.43
C THR B 75 29.21 -8.43 -8.85
N ILE B 76 30.34 -9.09 -8.58
CA ILE B 76 31.53 -8.46 -8.03
C ILE B 76 32.64 -8.59 -9.07
N SER B 77 32.99 -7.48 -9.70
CA SER B 77 34.06 -7.44 -10.69
C SER B 77 35.36 -6.96 -10.05
N ASP B 78 36.46 -7.20 -10.77
CA ASP B 78 37.81 -6.82 -10.33
C ASP B 78 38.04 -7.25 -8.88
N LEU B 79 37.93 -8.55 -8.66
CA LEU B 79 37.94 -9.12 -7.31
C LEU B 79 39.25 -8.79 -6.61
N GLU B 80 39.16 -8.46 -5.32
CA GLU B 80 40.30 -8.18 -4.47
C GLU B 80 40.37 -9.22 -3.35
N CYS B 81 41.50 -9.24 -2.65
CA CYS B 81 41.61 -10.14 -1.50
C CYS B 81 40.63 -9.75 -0.40
N ALA B 82 40.46 -8.45 -0.15
CA ALA B 82 39.58 -8.00 0.92
C ALA B 82 38.11 -8.30 0.64
N ASP B 83 37.76 -8.74 -0.58
CA ASP B 83 36.37 -9.03 -0.89
C ASP B 83 35.91 -10.35 -0.31
N ALA B 84 36.84 -11.22 0.10
CA ALA B 84 36.46 -12.52 0.64
C ALA B 84 35.67 -12.35 1.91
N ALA B 85 34.42 -12.78 1.88
CA ALA B 85 33.49 -12.70 3.00
C ALA B 85 32.24 -13.48 2.62
N THR B 86 31.31 -13.56 3.57
CA THR B 86 29.99 -14.12 3.32
C THR B 86 29.03 -13.00 2.93
N TYR B 87 28.24 -13.24 1.89
CA TYR B 87 27.38 -12.23 1.30
C TYR B 87 25.93 -12.67 1.40
N TYR B 88 25.09 -11.82 2.00
CA TYR B 88 23.68 -12.11 2.22
C TYR B 88 22.81 -11.12 1.46
N CYS B 89 21.58 -11.57 1.17
CA CYS B 89 20.55 -10.71 0.62
C CYS B 89 19.32 -10.77 1.52
N GLN B 90 18.53 -9.71 1.50
CA GLN B 90 17.35 -9.64 2.34
C GLN B 90 16.25 -8.85 1.65
N SER B 91 15.01 -9.30 1.82
CA SER B 91 13.84 -8.60 1.30
C SER B 91 13.21 -7.77 2.42
N TYR B 92 12.93 -6.52 2.12
CA TYR B 92 12.23 -5.61 3.02
C TYR B 92 10.96 -5.09 2.35
N TYR B 93 10.26 -5.99 1.65
CA TYR B 93 9.11 -5.60 0.86
C TYR B 93 7.96 -5.16 1.77
N TYR B 94 7.38 -4.00 1.45
CA TYR B 94 6.29 -3.46 2.26
C TYR B 94 5.40 -2.61 1.34
N SER B 95 4.50 -3.30 0.62
CA SER B 95 3.49 -2.58 -0.15
C SER B 95 2.54 -1.81 0.76
N GLY B 96 2.31 -2.33 1.97
CA GLY B 96 1.31 -1.78 2.84
C GLY B 96 0.36 -2.87 3.30
N ILE B 97 0.01 -3.77 2.38
CA ILE B 97 -0.86 -4.89 2.70
C ILE B 97 -0.16 -6.24 2.59
N THR B 98 0.94 -6.32 1.86
CA THR B 98 1.70 -7.56 1.72
C THR B 98 3.03 -7.41 2.44
N TYR B 99 3.36 -8.39 3.28
CA TYR B 99 4.57 -8.37 4.09
C TYR B 99 5.50 -9.48 3.64
N GLY B 100 6.67 -9.10 3.12
CA GLY B 100 7.66 -10.07 2.71
C GLY B 100 9.04 -9.72 3.24
N ASN B 101 9.48 -10.43 4.28
CA ASN B 101 10.76 -10.18 4.92
C ASN B 101 11.46 -11.51 5.13
N ALA B 102 12.68 -11.63 4.63
CA ALA B 102 13.47 -12.84 4.79
C ALA B 102 14.91 -12.52 4.46
N PHE B 103 15.81 -13.37 4.97
CA PHE B 103 17.23 -13.28 4.68
C PHE B 103 17.63 -14.40 3.73
N GLY B 104 18.61 -14.12 2.88
CA GLY B 104 19.17 -15.16 2.06
C GLY B 104 19.99 -16.15 2.87
N GLY B 105 20.13 -17.36 2.32
CA GLY B 105 20.94 -18.37 2.99
C GLY B 105 22.39 -17.96 3.15
N GLY B 106 22.89 -17.16 2.22
CA GLY B 106 24.26 -16.70 2.28
C GLY B 106 25.13 -17.37 1.23
N THR B 107 26.18 -16.66 0.83
CA THR B 107 27.16 -17.17 -0.12
C THR B 107 28.55 -16.84 0.40
N GLU B 108 29.36 -17.88 0.60
CA GLU B 108 30.74 -17.71 1.03
C GLU B 108 31.63 -17.55 -0.20
N VAL B 109 32.28 -16.40 -0.32
CA VAL B 109 33.20 -16.13 -1.42
C VAL B 109 34.62 -16.21 -0.88
N VAL B 110 35.50 -16.83 -1.65
CA VAL B 110 36.92 -16.98 -1.30
C VAL B 110 37.74 -16.70 -2.55
N VAL B 111 38.69 -15.77 -2.43
CA VAL B 111 39.45 -15.26 -3.57
C VAL B 111 40.81 -15.95 -3.61
N LYS B 112 41.15 -16.50 -4.77
CA LYS B 112 42.41 -17.20 -4.97
C LYS B 112 43.53 -16.17 -5.13
N GLY B 113 44.40 -16.07 -4.14
CA GLY B 113 45.57 -15.22 -4.22
C GLY B 113 46.78 -15.97 -4.76
N ASP B 114 47.92 -15.31 -4.70
CA ASP B 114 49.17 -15.95 -5.12
C ASP B 114 49.48 -17.11 -4.19
N PRO B 115 49.79 -18.30 -4.71
CA PRO B 115 50.12 -19.43 -3.85
C PRO B 115 51.35 -19.12 -2.99
N VAL B 116 51.26 -19.43 -1.70
CA VAL B 116 52.31 -19.11 -0.75
C VAL B 116 52.48 -20.29 0.20
N ALA B 117 53.73 -20.73 0.38
CA ALA B 117 54.00 -21.88 1.24
C ALA B 117 53.87 -21.50 2.71
N PRO B 118 53.54 -22.45 3.57
CA PRO B 118 53.39 -22.15 5.01
C PRO B 118 54.70 -22.25 5.76
N THR B 119 54.77 -21.46 6.84
CA THR B 119 55.86 -21.52 7.80
C THR B 119 55.31 -22.18 9.07
N VAL B 120 55.79 -23.38 9.37
CA VAL B 120 55.25 -24.19 10.45
C VAL B 120 56.00 -23.92 11.74
N LEU B 121 55.25 -23.89 12.85
CA LEU B 121 55.78 -23.65 14.17
C LEU B 121 55.21 -24.70 15.12
N ILE B 122 55.90 -24.91 16.24
CA ILE B 122 55.43 -25.82 17.28
C ILE B 122 55.72 -25.18 18.63
N PHE B 123 54.98 -25.63 19.64
CA PHE B 123 55.05 -25.02 20.96
C PHE B 123 55.14 -26.11 22.03
N PRO B 124 55.87 -25.86 23.11
CA PRO B 124 55.99 -26.85 24.16
C PRO B 124 55.06 -26.56 25.32
N PRO B 125 54.77 -27.56 26.16
CA PRO B 125 53.90 -27.33 27.31
C PRO B 125 54.64 -26.72 28.49
N ALA B 126 53.94 -25.86 29.22
CA ALA B 126 54.50 -25.27 30.42
C ALA B 126 54.48 -26.28 31.57
N ALA B 127 55.08 -25.88 32.70
CA ALA B 127 55.11 -26.76 33.86
C ALA B 127 53.73 -26.90 34.49
N ASP B 128 53.04 -25.78 34.70
CA ASP B 128 51.67 -25.82 35.20
C ASP B 128 50.75 -26.57 34.24
N GLN B 129 51.11 -26.65 32.97
CA GLN B 129 50.34 -27.40 32.00
C GLN B 129 50.38 -28.89 32.31
N VAL B 130 51.53 -29.40 32.73
CA VAL B 130 51.65 -30.82 33.07
C VAL B 130 50.80 -31.18 34.28
N ALA B 131 50.46 -30.20 35.12
CA ALA B 131 49.60 -30.47 36.26
C ALA B 131 48.20 -30.87 35.80
N THR B 132 47.47 -31.52 36.72
CA THR B 132 46.12 -32.03 36.50
C THR B 132 46.08 -33.11 35.42
N GLY B 133 47.22 -33.44 34.83
CA GLY B 133 47.28 -34.51 33.85
C GLY B 133 46.57 -34.22 32.55
N THR B 134 46.69 -33.00 32.02
CA THR B 134 46.18 -32.69 30.70
C THR B 134 47.07 -31.62 30.08
N VAL B 135 47.53 -31.86 28.86
CA VAL B 135 48.56 -31.02 28.23
C VAL B 135 48.17 -30.74 26.79
N THR B 136 48.30 -29.48 26.39
CA THR B 136 48.02 -29.03 25.02
C THR B 136 49.32 -28.61 24.36
N ILE B 137 49.63 -29.21 23.22
CA ILE B 137 50.74 -28.79 22.36
C ILE B 137 50.14 -28.25 21.07
N VAL B 138 50.48 -27.02 20.73
CA VAL B 138 49.87 -26.33 19.59
C VAL B 138 50.88 -26.26 18.44
N CYS B 139 50.40 -26.51 17.23
CA CYS B 139 51.19 -26.40 16.00
C CYS B 139 50.48 -25.42 15.07
N VAL B 140 51.19 -24.36 14.67
CA VAL B 140 50.57 -23.29 13.90
C VAL B 140 51.28 -23.14 12.56
N ALA B 141 50.52 -22.72 11.55
CA ALA B 141 51.02 -22.46 10.21
C ALA B 141 50.68 -21.02 9.85
N ASN B 142 51.65 -20.29 9.34
CA ASN B 142 51.55 -18.86 9.09
C ASN B 142 51.64 -18.55 7.61
N LYS B 143 50.90 -17.53 7.19
CA LYS B 143 50.95 -16.99 5.83
C LYS B 143 50.93 -18.08 4.78
N TYR B 144 49.80 -18.74 4.57
CA TYR B 144 49.74 -19.86 3.65
C TYR B 144 48.49 -19.78 2.79
N PHE B 145 48.58 -20.40 1.61
CA PHE B 145 47.50 -20.54 0.64
C PHE B 145 47.97 -21.44 -0.49
N PRO B 146 47.13 -22.36 -0.99
CA PRO B 146 45.75 -22.61 -0.55
C PRO B 146 45.66 -23.53 0.67
N ASP B 147 44.49 -24.11 0.89
CA ASP B 147 44.23 -24.88 2.10
C ASP B 147 45.21 -26.05 2.24
N VAL B 148 45.60 -26.34 3.48
CA VAL B 148 46.58 -27.38 3.77
C VAL B 148 45.96 -28.41 4.69
N THR B 149 46.47 -29.64 4.60
CA THR B 149 46.11 -30.70 5.52
C THR B 149 47.11 -30.74 6.66
N VAL B 150 46.61 -31.09 7.85
CA VAL B 150 47.42 -31.12 9.06
C VAL B 150 47.42 -32.55 9.61
N THR B 151 48.62 -33.04 9.92
CA THR B 151 48.78 -34.38 10.48
C THR B 151 49.81 -34.33 11.60
N TRP B 152 49.59 -35.17 12.61
CA TRP B 152 50.51 -35.29 13.73
C TRP B 152 51.07 -36.70 13.77
N GLU B 153 52.30 -36.82 14.30
CA GLU B 153 52.97 -38.12 14.34
C GLU B 153 53.90 -38.14 15.55
N VAL B 154 53.57 -38.96 16.55
CA VAL B 154 54.47 -39.24 17.67
C VAL B 154 55.13 -40.60 17.43
N ASP B 155 56.44 -40.65 17.64
CA ASP B 155 57.22 -41.88 17.60
C ASP B 155 56.88 -42.75 16.39
N GLY B 156 56.55 -42.11 15.27
CA GLY B 156 56.18 -42.85 14.07
C GLY B 156 54.77 -43.36 14.03
N THR B 157 53.86 -42.77 14.81
CA THR B 157 52.47 -43.20 14.86
C THR B 157 51.54 -42.02 14.62
N THR B 158 50.46 -42.28 13.90
CA THR B 158 49.47 -41.25 13.58
C THR B 158 48.31 -41.31 14.58
N GLN B 159 47.74 -40.15 14.88
CA GLN B 159 46.70 -40.03 15.90
C GLN B 159 45.45 -39.43 15.28
N THR B 160 44.30 -40.05 15.54
CA THR B 160 43.03 -39.59 15.00
C THR B 160 42.25 -38.74 15.99
N THR B 161 42.59 -38.79 17.27
CA THR B 161 41.85 -38.08 18.31
C THR B 161 42.76 -37.11 19.03
N GLY B 162 42.13 -36.17 19.74
CA GLY B 162 42.84 -35.20 20.56
C GLY B 162 43.22 -33.92 19.85
N ILE B 163 42.92 -33.77 18.57
CA ILE B 163 43.35 -32.62 17.78
C ILE B 163 42.15 -31.76 17.42
N GLU B 164 42.33 -30.44 17.51
CA GLU B 164 41.33 -29.46 17.11
C GLU B 164 42.06 -28.27 16.51
N ASN B 165 41.64 -27.85 15.31
CA ASN B 165 42.28 -26.75 14.59
C ASN B 165 41.24 -25.73 14.15
N SER B 166 41.60 -24.46 14.24
CA SER B 166 40.76 -23.35 13.80
C SER B 166 41.57 -22.44 12.90
N LYS B 167 40.96 -22.03 11.79
CA LYS B 167 41.63 -21.26 10.76
C LYS B 167 41.10 -19.84 10.72
N THR B 168 42.00 -18.86 10.66
CA THR B 168 41.63 -17.46 10.63
C THR B 168 41.02 -17.09 9.28
N PRO B 169 40.31 -15.96 9.21
CA PRO B 169 39.84 -15.48 7.90
C PRO B 169 41.01 -15.12 7.00
N GLN B 170 40.74 -15.07 5.70
CA GLN B 170 41.75 -14.70 4.74
C GLN B 170 42.28 -13.30 5.04
N ASN B 171 43.60 -13.15 5.02
CA ASN B 171 44.18 -11.82 5.17
C ASN B 171 43.77 -10.96 3.98
N SER B 172 43.36 -9.72 4.28
CA SER B 172 42.80 -8.84 3.26
C SER B 172 43.84 -8.38 2.24
N ALA B 173 45.13 -8.64 2.47
CA ALA B 173 46.18 -8.17 1.57
C ALA B 173 46.70 -9.24 0.62
N ASP B 174 46.90 -10.47 1.12
CA ASP B 174 47.48 -11.53 0.30
C ASP B 174 46.66 -12.81 0.32
N CYS B 175 45.44 -12.79 0.85
CA CYS B 175 44.53 -13.93 0.80
C CYS B 175 45.10 -15.17 1.50
N THR B 176 45.84 -14.96 2.59
CA THR B 176 46.56 -16.05 3.25
C THR B 176 45.85 -16.48 4.52
N TYR B 177 45.75 -17.80 4.71
CA TYR B 177 45.15 -18.40 5.89
C TYR B 177 46.20 -18.61 6.99
N ASN B 178 45.72 -18.70 8.23
CA ASN B 178 46.52 -19.04 9.39
C ASN B 178 45.86 -20.17 10.16
N LEU B 179 46.68 -21.07 10.71
CA LEU B 179 46.21 -22.27 11.39
C LEU B 179 46.71 -22.34 12.83
N SER B 180 45.91 -23.03 13.68
CA SER B 180 46.23 -23.27 15.09
C SER B 180 45.69 -24.66 15.47
N SER B 181 46.48 -25.69 15.19
CA SER B 181 46.12 -27.05 15.54
C SER B 181 46.71 -27.41 16.91
N THR B 182 45.84 -27.86 17.82
CA THR B 182 46.24 -28.18 19.18
C THR B 182 45.92 -29.64 19.49
N LEU B 183 46.83 -30.31 20.20
CA LEU B 183 46.68 -31.71 20.56
C LEU B 183 46.73 -31.86 22.07
N THR B 184 45.82 -32.67 22.61
CA THR B 184 45.69 -32.85 24.05
C THR B 184 45.63 -34.34 24.41
N LEU B 185 46.44 -34.72 25.40
CA LEU B 185 46.37 -36.05 26.01
C LEU B 185 46.77 -35.87 27.48
N THR B 186 46.73 -36.97 28.24
CA THR B 186 47.07 -36.83 29.66
C THR B 186 48.59 -36.75 29.84
N SER B 187 48.99 -36.30 31.03
CA SER B 187 50.41 -36.04 31.28
C SER B 187 51.21 -37.33 31.32
N THR B 188 50.60 -38.45 31.70
CA THR B 188 51.33 -39.70 31.78
C THR B 188 51.76 -40.19 30.40
N GLN B 189 50.88 -40.07 29.40
CA GLN B 189 51.27 -40.45 28.05
C GLN B 189 52.11 -39.39 27.36
N TYR B 190 52.05 -38.14 27.81
CA TYR B 190 52.98 -37.14 27.29
C TYR B 190 54.41 -37.45 27.72
N ASN B 191 54.58 -37.90 28.96
CA ASN B 191 55.91 -38.20 29.49
C ASN B 191 56.47 -39.51 28.96
N SER B 192 55.61 -40.44 28.54
CA SER B 192 56.09 -41.75 28.11
C SER B 192 56.70 -41.70 26.70
N HIS B 193 56.22 -40.81 25.83
CA HIS B 193 56.70 -40.73 24.46
C HIS B 193 57.82 -39.70 24.37
N LYS B 194 58.80 -39.99 23.51
CA LYS B 194 60.05 -39.23 23.49
C LYS B 194 60.00 -38.01 22.58
N GLU B 195 59.28 -38.04 21.47
CA GLU B 195 59.23 -36.86 20.62
C GLU B 195 58.01 -36.91 19.71
N TYR B 196 57.50 -35.72 19.40
CA TYR B 196 56.29 -35.54 18.61
C TYR B 196 56.65 -34.67 17.40
N THR B 197 56.01 -34.96 16.27
CA THR B 197 56.27 -34.19 15.07
C THR B 197 54.94 -33.82 14.41
N CYS B 198 54.88 -32.62 13.84
CA CYS B 198 53.68 -32.05 13.26
C CYS B 198 53.94 -31.76 11.78
N LYS B 199 53.13 -32.34 10.91
CA LYS B 199 53.34 -32.26 9.47
C LYS B 199 52.20 -31.47 8.82
N VAL B 200 52.55 -30.47 8.03
CA VAL B 200 51.61 -29.68 7.25
C VAL B 200 51.87 -29.97 5.78
N THR B 201 50.78 -30.13 5.01
CA THR B 201 50.87 -30.58 3.63
C THR B 201 50.08 -29.63 2.73
N GLN B 202 50.77 -29.05 1.74
CA GLN B 202 50.16 -28.16 0.75
C GLN B 202 50.35 -28.80 -0.63
N GLY B 203 49.45 -29.71 -0.97
CA GLY B 203 49.58 -30.40 -2.25
C GLY B 203 50.78 -31.31 -2.25
N THR B 204 51.64 -31.15 -3.26
CA THR B 204 52.88 -31.92 -3.31
C THR B 204 53.82 -31.50 -2.21
N THR B 205 53.85 -30.21 -1.89
CA THR B 205 54.73 -29.70 -0.85
C THR B 205 54.26 -30.16 0.53
N SER B 206 55.22 -30.34 1.44
CA SER B 206 54.91 -30.74 2.80
C SER B 206 55.96 -30.16 3.74
N VAL B 207 55.52 -29.61 4.86
CA VAL B 207 56.43 -29.03 5.84
C VAL B 207 56.23 -29.75 7.16
N VAL B 208 57.35 -30.04 7.84
CA VAL B 208 57.33 -30.77 9.10
C VAL B 208 58.02 -29.89 10.15
N GLN B 209 57.74 -30.20 11.41
CA GLN B 209 58.38 -29.50 12.53
C GLN B 209 58.50 -30.46 13.70
N SER B 210 59.65 -30.44 14.37
CA SER B 210 59.93 -31.34 15.48
C SER B 210 60.42 -30.54 16.68
N PHE B 211 60.46 -31.21 17.83
CA PHE B 211 60.93 -30.60 19.06
C PHE B 211 61.33 -31.70 20.03
N SER B 212 62.38 -31.46 20.81
CA SER B 212 62.84 -32.44 21.77
C SER B 212 61.80 -32.65 22.87
N ARG B 213 62.05 -33.63 23.73
CA ARG B 213 61.23 -33.78 24.92
C ARG B 213 61.76 -32.94 26.07
N LYS B 214 63.07 -32.97 26.30
CA LYS B 214 63.69 -32.06 27.24
C LYS B 214 63.74 -30.65 26.64
N ASN B 215 63.55 -29.64 27.49
CA ASN B 215 63.49 -28.24 27.07
C ASN B 215 62.32 -28.11 26.11
N CYS B 216 62.51 -27.63 24.88
CA CYS B 216 61.43 -27.54 23.91
C CYS B 216 61.01 -28.93 23.45
N GLY C 7 25.16 -13.94 28.74
CA GLY C 7 25.37 -15.02 27.79
C GLY C 7 25.00 -16.37 28.34
N LEU C 8 25.06 -16.50 29.67
CA LEU C 8 24.70 -17.75 30.33
C LEU C 8 23.19 -17.86 30.45
N VAL C 9 22.66 -19.04 30.14
CA VAL C 9 21.24 -19.31 30.28
C VAL C 9 21.05 -20.83 30.22
N LYS C 10 20.02 -21.31 30.89
CA LYS C 10 19.62 -22.70 31.12
C LYS C 10 18.51 -23.09 30.16
N PRO C 11 18.59 -24.30 29.56
CA PRO C 11 17.52 -24.76 28.65
C PRO C 11 16.14 -24.69 29.28
N GLY C 12 15.23 -23.96 28.63
CA GLY C 12 13.93 -23.69 29.20
C GLY C 12 13.84 -22.39 29.98
N GLY C 13 14.96 -21.71 30.19
CA GLY C 13 14.98 -20.45 30.92
C GLY C 13 14.49 -19.29 30.07
N THR C 14 14.77 -18.08 30.57
CA THR C 14 14.38 -16.85 29.87
C THR C 14 15.54 -15.88 29.88
N LEU C 15 15.59 -15.03 28.87
CA LEU C 15 16.63 -14.00 28.75
C LEU C 15 16.04 -12.74 28.14
N THR C 16 16.58 -11.60 28.54
CA THR C 16 16.16 -10.30 28.04
C THR C 16 17.39 -9.53 27.57
N LEU C 17 17.35 -9.06 26.33
CA LEU C 17 18.45 -8.34 25.72
C LEU C 17 18.07 -6.89 25.48
N THR C 18 19.03 -6.08 25.04
CA THR C 18 18.82 -4.66 24.85
C THR C 18 19.66 -4.16 23.68
N CYS C 19 19.16 -3.15 22.98
CA CYS C 19 19.85 -2.56 21.86
C CYS C 19 21.00 -1.68 22.34
N LYS C 20 22.14 -1.76 21.65
CA LYS C 20 23.32 -1.00 21.99
C LYS C 20 23.76 -0.09 20.85
N ALA C 21 22.81 0.34 20.01
CA ALA C 21 23.14 1.25 18.92
C ALA C 21 23.55 2.62 19.46
N SER C 22 22.61 3.31 20.09
CA SER C 22 22.90 4.50 20.89
C SER C 22 23.55 5.61 20.06
N GLY C 23 23.09 5.77 18.82
CA GLY C 23 23.60 6.82 17.97
C GLY C 23 22.51 7.71 17.40
N PHE C 24 21.33 7.64 18.00
CA PHE C 24 20.11 8.24 17.46
C PHE C 24 18.98 8.02 18.46
N THR C 25 17.84 8.64 18.17
CA THR C 25 16.62 8.38 18.94
C THR C 25 15.98 7.09 18.43
N LEU C 26 15.84 6.11 19.33
CA LEU C 26 15.45 4.77 18.89
C LEU C 26 14.01 4.72 18.39
N SER C 27 13.14 5.60 18.89
CA SER C 27 11.73 5.52 18.55
C SER C 27 11.44 5.92 17.11
N SER C 28 12.34 6.66 16.47
CA SER C 28 12.08 7.22 15.15
C SER C 28 12.53 6.32 14.01
N TYR C 29 12.99 5.10 14.31
CA TYR C 29 13.57 4.24 13.28
C TYR C 29 12.96 2.84 13.31
N TRP C 30 13.02 2.20 12.15
CA TRP C 30 12.62 0.81 11.99
C TRP C 30 13.67 -0.10 12.64
N MET C 31 13.22 -1.06 13.45
CA MET C 31 14.11 -1.81 14.31
C MET C 31 13.76 -3.29 14.28
N CYS C 32 14.66 -4.11 13.76
CA CYS C 32 14.57 -5.55 13.87
C CYS C 32 15.61 -6.11 14.81
N TRP C 33 15.41 -7.37 15.20
CA TRP C 33 16.40 -8.17 15.91
C TRP C 33 16.83 -9.29 14.97
N VAL C 34 18.11 -9.30 14.61
CA VAL C 34 18.68 -10.29 13.71
C VAL C 34 19.52 -11.25 14.53
N ARG C 35 19.39 -12.54 14.24
CA ARG C 35 20.17 -13.56 14.93
C ARG C 35 21.01 -14.33 13.93
N GLN C 36 22.13 -14.87 14.42
CA GLN C 36 23.07 -15.60 13.58
C GLN C 36 23.72 -16.69 14.43
N ALA C 37 23.33 -17.94 14.19
CA ALA C 37 24.00 -19.05 14.85
C ALA C 37 25.46 -19.09 14.45
N PRO C 38 26.35 -19.60 15.32
CA PRO C 38 27.78 -19.60 15.00
C PRO C 38 28.06 -20.39 13.73
N GLY C 39 28.69 -19.71 12.77
CA GLY C 39 28.96 -20.31 11.47
C GLY C 39 27.75 -20.52 10.59
N LYS C 40 26.62 -19.93 10.92
CA LYS C 40 25.38 -20.07 10.17
C LYS C 40 24.98 -18.73 9.56
N GLY C 41 23.89 -18.74 8.79
CA GLY C 41 23.44 -17.54 8.13
C GLY C 41 22.66 -16.62 9.05
N LEU C 42 22.51 -15.37 8.60
CA LEU C 42 21.71 -14.41 9.34
C LEU C 42 20.23 -14.78 9.27
N GLU C 43 19.54 -14.64 10.39
CA GLU C 43 18.11 -14.95 10.49
C GLU C 43 17.40 -13.78 11.15
N LEU C 44 16.30 -13.34 10.55
CA LEU C 44 15.53 -12.23 11.11
C LEU C 44 14.47 -12.76 12.06
N ILE C 45 14.42 -12.16 13.24
CA ILE C 45 13.53 -12.61 14.32
C ILE C 45 12.26 -11.78 14.33
N ALA C 46 12.41 -10.46 14.52
CA ALA C 46 11.26 -9.63 14.83
C ALA C 46 11.55 -8.14 14.73
N CYS C 47 10.68 -7.40 14.04
CA CYS C 47 10.74 -5.95 13.94
C CYS C 47 9.70 -5.27 14.83
N LEU C 48 9.83 -3.95 14.94
CA LEU C 48 8.99 -3.14 15.81
C LEU C 48 8.76 -1.79 15.16
N TYR C 49 7.49 -1.48 14.86
CA TYR C 49 7.15 -0.23 14.19
C TYR C 49 7.37 0.96 15.12
N THR C 50 7.43 2.15 14.52
CA THR C 50 7.69 3.36 15.29
C THR C 50 6.56 3.71 16.25
N ASN C 51 5.34 3.28 15.96
CA ASN C 51 4.23 3.56 16.88
C ASN C 51 4.40 2.79 18.19
N GLY C 52 4.91 1.56 18.11
CA GLY C 52 5.26 0.79 19.28
C GLY C 52 4.30 -0.32 19.65
N ALA C 53 3.15 -0.40 18.99
CA ALA C 53 2.20 -1.47 19.22
C ALA C 53 2.27 -2.55 18.14
N THR C 54 2.25 -2.14 16.87
CA THR C 54 2.34 -3.09 15.78
C THR C 54 3.72 -3.72 15.73
N THR C 55 3.77 -5.05 15.57
CA THR C 55 5.02 -5.79 15.53
C THR C 55 4.99 -6.77 14.38
N TRP C 56 6.17 -7.03 13.82
CA TRP C 56 6.34 -8.06 12.82
C TRP C 56 7.14 -9.22 13.42
N TYR C 57 6.73 -10.44 13.08
CA TYR C 57 7.35 -11.65 13.58
C TYR C 57 7.55 -12.63 12.43
N ALA C 58 8.68 -13.33 12.45
CA ALA C 58 8.87 -14.43 11.50
C ALA C 58 7.85 -15.53 11.76
N SER C 59 7.74 -16.45 10.80
CA SER C 59 6.76 -17.52 10.94
C SER C 59 7.13 -18.53 12.01
N TRP C 60 8.41 -18.64 12.35
CA TRP C 60 8.87 -19.70 13.23
C TRP C 60 8.84 -19.34 14.71
N VAL C 61 8.85 -18.04 15.05
CA VAL C 61 8.86 -17.64 16.46
C VAL C 61 7.58 -18.10 17.16
N ASN C 62 6.42 -17.75 16.62
CA ASN C 62 5.12 -18.13 17.16
C ASN C 62 5.01 -17.74 18.64
N GLY C 63 5.15 -16.44 18.88
CA GLY C 63 4.99 -15.91 20.22
C GLY C 63 6.09 -16.25 21.20
N ARG C 64 7.18 -16.86 20.74
CA ARG C 64 8.28 -17.21 21.65
C ARG C 64 9.13 -16.00 21.99
N PHE C 65 9.18 -15.01 21.10
CA PHE C 65 9.97 -13.80 21.29
C PHE C 65 9.03 -12.60 21.30
N ALA C 66 9.48 -11.50 21.92
CA ALA C 66 8.64 -10.32 22.06
C ALA C 66 9.51 -9.07 22.15
N ILE C 67 9.12 -8.03 21.44
CA ILE C 67 9.84 -6.77 21.41
C ILE C 67 9.07 -5.75 22.24
N SER C 68 9.81 -4.87 22.92
CA SER C 68 9.24 -3.69 23.55
C SER C 68 10.33 -2.64 23.63
N ARG C 69 9.93 -1.41 23.90
CA ARG C 69 10.90 -0.34 24.09
C ARG C 69 10.65 0.33 25.44
N SER C 70 11.74 0.76 26.08
CA SER C 70 11.63 1.48 27.34
C SER C 70 11.03 2.87 27.15
N THR C 71 11.06 3.39 25.92
CA THR C 71 10.48 4.67 25.51
C THR C 71 10.86 5.85 26.41
N SER C 72 11.66 5.60 27.44
CA SER C 72 12.17 6.66 28.31
C SER C 72 13.69 6.66 28.37
N ARG C 73 14.32 5.50 28.50
CA ARG C 73 15.77 5.36 28.45
C ARG C 73 16.28 5.18 27.03
N ASN C 74 15.39 5.19 26.04
CA ASN C 74 15.74 4.97 24.63
C ASN C 74 16.41 3.61 24.44
N THR C 75 15.67 2.56 24.82
CA THR C 75 16.14 1.19 24.67
C THR C 75 15.05 0.36 24.00
N VAL C 76 15.46 -0.77 23.43
CA VAL C 76 14.57 -1.74 22.81
C VAL C 76 14.98 -3.12 23.32
N ASP C 77 14.00 -3.91 23.76
CA ASP C 77 14.26 -5.19 24.41
C ASP C 77 13.75 -6.34 23.56
N LEU C 78 14.29 -7.53 23.83
CA LEU C 78 13.84 -8.78 23.23
C LEU C 78 13.73 -9.82 24.33
N ASN C 79 12.56 -10.45 24.44
CA ASN C 79 12.28 -11.43 25.47
C ASN C 79 12.23 -12.83 24.85
N MET C 80 12.76 -13.82 25.58
CA MET C 80 12.89 -15.17 25.06
C MET C 80 12.41 -16.17 26.11
N THR C 81 11.76 -17.24 25.64
CA THR C 81 11.26 -18.28 26.52
C THR C 81 11.42 -19.62 25.82
N SER C 82 11.42 -20.69 26.62
CA SER C 82 11.54 -22.06 26.14
C SER C 82 12.73 -22.22 25.19
N LEU C 83 13.90 -21.80 25.68
CA LEU C 83 15.10 -21.82 24.85
C LEU C 83 15.62 -23.24 24.68
N THR C 84 16.29 -23.47 23.55
CA THR C 84 16.87 -24.76 23.21
C THR C 84 18.28 -24.55 22.67
N ALA C 85 18.93 -25.66 22.30
CA ALA C 85 20.29 -25.58 21.77
C ALA C 85 20.33 -24.81 20.46
N ALA C 86 19.24 -24.85 19.68
CA ALA C 86 19.20 -24.11 18.43
C ALA C 86 19.20 -22.60 18.65
N ASP C 87 18.78 -22.14 19.83
CA ASP C 87 18.73 -20.71 20.13
C ASP C 87 20.08 -20.12 20.43
N THR C 88 21.13 -20.94 20.57
CA THR C 88 22.47 -20.41 20.77
C THR C 88 22.93 -19.66 19.53
N ALA C 89 23.14 -18.36 19.68
CA ALA C 89 23.50 -17.51 18.55
C ALA C 89 23.96 -16.16 19.08
N THR C 90 24.43 -15.32 18.16
CA THR C 90 24.67 -13.90 18.42
C THR C 90 23.44 -13.13 17.97
N TYR C 91 22.88 -12.32 18.86
CA TYR C 91 21.62 -11.63 18.62
C TYR C 91 21.90 -10.16 18.35
N PHE C 92 21.67 -9.74 17.10
CA PHE C 92 22.03 -8.41 16.63
C PHE C 92 20.82 -7.50 16.66
N CYS C 93 21.00 -6.29 17.19
CA CYS C 93 19.99 -5.24 17.10
C CYS C 93 20.32 -4.39 15.89
N ALA C 94 19.43 -4.40 14.89
CA ALA C 94 19.69 -3.75 13.60
C ALA C 94 18.68 -2.64 13.38
N ARG C 95 19.17 -1.40 13.31
CA ARG C 95 18.37 -0.28 12.87
C ARG C 95 18.24 -0.31 11.35
N GLY C 96 17.11 0.19 10.85
CA GLY C 96 16.80 0.02 9.44
C GLY C 96 16.58 1.28 8.63
N SER C 97 17.49 2.25 8.74
CA SER C 97 17.59 3.36 7.80
C SER C 97 16.42 4.34 7.78
N GLY C 98 15.23 3.90 8.15
CA GLY C 98 14.07 4.76 8.08
C GLY C 98 13.05 4.43 9.14
N SER C 99 11.95 5.17 9.13
CA SER C 99 10.85 4.90 10.04
C SER C 99 10.16 3.59 9.69
N GLY C 100 9.96 3.34 8.40
CA GLY C 100 9.27 2.14 7.95
C GLY C 100 10.23 1.05 7.49
N TRP C 101 9.64 -0.01 6.94
CA TRP C 101 10.37 -1.16 6.43
C TRP C 101 11.51 -0.71 5.53
N SER C 102 12.70 -1.25 5.76
CA SER C 102 13.85 -0.87 4.96
C SER C 102 15.05 -1.76 5.31
N TRP C 103 16.06 -1.66 4.45
CA TRP C 103 17.37 -2.23 4.71
C TRP C 103 17.98 -1.64 5.97
N PHE C 104 18.92 -2.36 6.56
CA PHE C 104 19.62 -1.92 7.75
C PHE C 104 20.96 -1.30 7.36
N ASN C 105 21.23 -0.09 7.83
CA ASN C 105 22.54 0.52 7.64
C ASN C 105 23.32 0.66 8.93
N ILE C 106 22.71 0.32 10.07
CA ILE C 106 23.38 0.35 11.36
C ILE C 106 23.11 -0.98 12.06
N TRP C 107 24.18 -1.66 12.44
CA TRP C 107 24.10 -2.94 13.14
C TRP C 107 24.70 -2.76 14.53
N GLY C 108 23.97 -3.22 15.55
CA GLY C 108 24.46 -3.19 16.90
C GLY C 108 25.57 -4.19 17.11
N PRO C 109 26.36 -4.03 18.17
CA PRO C 109 27.49 -4.95 18.39
C PRO C 109 27.08 -6.39 18.62
N GLY C 110 25.88 -6.62 19.12
CA GLY C 110 25.42 -7.98 19.35
C GLY C 110 25.75 -8.49 20.74
N THR C 111 24.95 -9.43 21.20
CA THR C 111 25.11 -10.03 22.52
C THR C 111 25.17 -11.54 22.36
N LEU C 112 26.26 -12.13 22.85
CA LEU C 112 26.40 -13.58 22.78
C LEU C 112 25.43 -14.24 23.75
N VAL C 113 24.83 -15.35 23.30
CA VAL C 113 23.86 -16.11 24.09
C VAL C 113 24.22 -17.58 23.99
N THR C 114 24.33 -18.23 25.15
CA THR C 114 24.73 -19.63 25.22
C THR C 114 23.78 -20.38 26.15
N VAL C 115 22.99 -21.28 25.61
CA VAL C 115 22.24 -22.23 26.41
C VAL C 115 23.13 -23.44 26.68
N SER C 116 23.13 -23.91 27.94
CA SER C 116 23.96 -25.03 28.36
C SER C 116 23.67 -25.43 29.79
N SER C 117 23.70 -26.73 30.09
CA SER C 117 23.53 -27.17 31.47
C SER C 117 24.66 -26.70 32.37
N GLY C 118 25.83 -26.39 31.80
CA GLY C 118 26.96 -25.97 32.60
C GLY C 118 26.83 -24.54 33.10
N GLN C 119 27.58 -24.26 34.16
CA GLN C 119 27.66 -22.97 34.81
C GLN C 119 28.97 -22.27 34.45
N PRO C 120 29.05 -20.95 34.58
CA PRO C 120 30.25 -20.22 34.14
C PRO C 120 31.53 -20.78 34.74
N LYS C 121 32.51 -21.00 33.88
CA LYS C 121 33.78 -21.61 34.24
C LYS C 121 34.92 -20.63 33.99
N ALA C 122 35.78 -20.46 34.99
CA ALA C 122 36.87 -19.51 34.88
C ALA C 122 37.92 -20.01 33.89
N PRO C 123 38.43 -19.14 33.01
CA PRO C 123 39.36 -19.61 31.98
C PRO C 123 40.71 -20.00 32.55
N SER C 124 41.34 -21.00 31.93
CA SER C 124 42.66 -21.47 32.29
C SER C 124 43.68 -20.86 31.32
N VAL C 125 44.57 -20.03 31.85
CA VAL C 125 45.53 -19.29 31.04
C VAL C 125 46.90 -19.96 31.17
N PHE C 126 47.50 -20.29 30.03
CA PHE C 126 48.80 -20.94 29.98
C PHE C 126 49.80 -20.07 29.24
N PRO C 127 51.03 -19.95 29.76
CA PRO C 127 52.08 -19.28 28.99
C PRO C 127 52.86 -20.22 28.09
N LEU C 128 52.41 -20.40 26.85
CA LEU C 128 53.15 -21.20 25.89
C LEU C 128 54.27 -20.37 25.27
N ALA C 129 55.44 -20.99 25.14
CA ALA C 129 56.64 -20.28 24.73
C ALA C 129 57.74 -21.26 24.37
N PRO C 130 58.47 -21.05 23.26
CA PRO C 130 59.63 -21.90 22.99
C PRO C 130 60.64 -21.82 24.12
N CYS C 131 61.10 -22.99 24.56
CA CYS C 131 61.92 -23.09 25.77
C CYS C 131 63.19 -22.25 25.64
N CYS C 132 63.78 -21.95 26.80
CA CYS C 132 65.03 -21.22 26.84
C CYS C 132 66.22 -22.04 26.34
N GLY C 133 66.07 -23.36 26.28
CA GLY C 133 67.19 -24.20 25.90
C GLY C 133 67.52 -24.12 24.41
N ASP C 134 66.50 -24.03 23.57
CA ASP C 134 66.73 -23.99 22.14
C ASP C 134 67.40 -22.69 21.73
N THR C 135 68.03 -22.71 20.56
CA THR C 135 68.78 -21.56 20.09
C THR C 135 67.86 -20.41 19.76
N PRO C 136 68.16 -19.18 20.19
CA PRO C 136 67.28 -18.04 19.87
C PRO C 136 67.62 -17.41 18.53
N SER C 137 66.67 -17.44 17.61
CA SER C 137 66.84 -16.80 16.31
C SER C 137 66.46 -15.32 16.38
N SER C 138 66.81 -14.58 15.33
CA SER C 138 66.44 -13.18 15.25
C SER C 138 64.92 -13.01 15.29
N THR C 139 64.21 -13.84 14.54
CA THR C 139 62.75 -13.86 14.59
C THR C 139 62.31 -14.75 15.75
N VAL C 140 61.58 -14.17 16.70
CA VAL C 140 61.01 -14.94 17.80
C VAL C 140 59.49 -14.81 17.74
N THR C 141 58.80 -15.86 18.17
CA THR C 141 57.35 -15.91 18.19
C THR C 141 56.88 -16.28 19.58
N LEU C 142 56.07 -15.42 20.18
CA LEU C 142 55.57 -15.62 21.54
C LEU C 142 54.06 -15.50 21.53
N GLY C 143 53.45 -15.86 22.66
CA GLY C 143 52.01 -15.72 22.79
C GLY C 143 51.50 -16.40 24.04
N CYS C 144 50.18 -16.32 24.21
CA CYS C 144 49.48 -16.91 25.33
C CYS C 144 48.50 -17.97 24.83
N LEU C 145 47.93 -18.72 25.78
CA LEU C 145 46.92 -19.72 25.48
C LEU C 145 45.84 -19.67 26.54
N VAL C 146 44.58 -19.68 26.11
CA VAL C 146 43.42 -19.67 26.99
C VAL C 146 42.56 -20.88 26.69
N LYS C 147 42.23 -21.64 27.72
CA LYS C 147 41.34 -22.78 27.59
C LYS C 147 40.51 -22.88 28.86
N GLY C 148 39.59 -23.84 28.86
CA GLY C 148 38.76 -24.08 30.03
C GLY C 148 37.87 -22.92 30.41
N TYR C 149 36.96 -22.53 29.52
CA TYR C 149 35.99 -21.50 29.81
C TYR C 149 34.69 -21.82 29.06
N LEU C 150 33.56 -21.53 29.71
CA LEU C 150 32.28 -21.94 29.16
C LEU C 150 31.59 -20.80 28.40
N PRO C 151 31.52 -19.57 28.95
CA PRO C 151 30.95 -18.47 28.16
C PRO C 151 31.83 -18.16 26.96
N GLU C 152 31.20 -18.12 25.78
CA GLU C 152 31.91 -17.89 24.52
C GLU C 152 32.79 -16.63 24.51
N PRO C 153 32.30 -15.45 24.90
CA PRO C 153 33.09 -14.23 24.65
C PRO C 153 34.40 -14.22 25.41
N VAL C 154 35.49 -13.96 24.68
CA VAL C 154 36.81 -13.74 25.25
C VAL C 154 37.36 -12.45 24.67
N THR C 155 38.14 -11.74 25.48
CA THR C 155 38.92 -10.61 25.01
C THR C 155 40.40 -10.91 25.26
N VAL C 156 41.21 -10.83 24.21
CA VAL C 156 42.65 -11.07 24.30
C VAL C 156 43.34 -9.76 23.95
N THR C 157 43.87 -9.09 24.96
CA THR C 157 44.73 -7.93 24.79
C THR C 157 46.15 -8.33 25.18
N TRP C 158 47.12 -7.47 24.86
CA TRP C 158 48.52 -7.83 25.03
C TRP C 158 49.30 -6.65 25.58
N ASN C 159 49.79 -6.81 26.82
CA ASN C 159 50.50 -5.77 27.57
C ASN C 159 49.80 -4.42 27.44
N SER C 160 48.49 -4.45 27.64
CA SER C 160 47.59 -3.30 27.50
C SER C 160 47.54 -2.77 26.08
N GLY C 161 48.04 -3.54 25.12
CA GLY C 161 47.86 -3.22 23.72
C GLY C 161 48.72 -2.11 23.16
N THR C 162 49.93 -1.91 23.69
CA THR C 162 50.79 -0.87 23.13
C THR C 162 51.51 -1.34 21.88
N LEU C 163 51.64 -2.66 21.67
CA LEU C 163 52.20 -3.22 20.44
C LEU C 163 51.22 -4.24 19.90
N THR C 164 50.52 -3.87 18.83
CA THR C 164 49.54 -4.75 18.20
C THR C 164 49.89 -5.05 16.75
N ASN C 165 51.14 -4.77 16.34
CA ASN C 165 51.51 -4.96 14.94
C ASN C 165 51.58 -6.45 14.59
N GLY C 166 52.09 -7.27 15.50
CA GLY C 166 52.19 -8.70 15.30
C GLY C 166 51.12 -9.53 15.96
N VAL C 167 50.02 -8.92 16.41
CA VAL C 167 48.95 -9.66 17.07
C VAL C 167 48.29 -10.60 16.08
N ARG C 168 47.94 -11.81 16.56
CA ARG C 168 47.39 -12.86 15.71
C ARG C 168 46.49 -13.76 16.57
N THR C 169 45.36 -13.21 16.99
CA THR C 169 44.40 -13.98 17.79
C THR C 169 43.64 -14.96 16.91
N PHE C 170 43.35 -16.14 17.45
CA PHE C 170 42.70 -17.21 16.73
C PHE C 170 41.25 -17.38 17.20
N PRO C 171 40.38 -17.91 16.35
CA PRO C 171 38.99 -18.14 16.76
C PRO C 171 38.87 -19.29 17.75
N SER C 172 37.81 -19.22 18.56
CA SER C 172 37.56 -20.23 19.57
C SER C 172 37.02 -21.52 18.95
N VAL C 173 37.16 -22.61 19.70
CA VAL C 173 36.67 -23.93 19.28
C VAL C 173 36.16 -24.68 20.51
N ARG C 174 35.12 -25.48 20.32
CA ARG C 174 34.56 -26.31 21.37
C ARG C 174 35.30 -27.64 21.49
N GLN C 175 35.55 -28.06 22.73
CA GLN C 175 35.90 -29.44 22.97
C GLN C 175 34.62 -30.27 23.12
N SER C 176 34.79 -31.59 23.22
CA SER C 176 33.63 -32.47 23.28
C SER C 176 32.79 -32.23 24.53
N SER C 177 33.42 -31.77 25.61
CA SER C 177 32.72 -31.55 26.86
C SER C 177 31.93 -30.25 26.90
N GLY C 178 32.16 -29.34 25.96
CA GLY C 178 31.35 -28.13 25.84
C GLY C 178 32.07 -26.83 26.11
N LEU C 179 33.32 -26.86 26.56
CA LEU C 179 34.08 -25.65 26.85
C LEU C 179 34.98 -25.31 25.67
N TYR C 180 35.46 -24.06 25.66
CA TYR C 180 36.18 -23.51 24.53
C TYR C 180 37.67 -23.40 24.84
N SER C 181 38.44 -23.03 23.81
CA SER C 181 39.88 -22.82 23.94
C SER C 181 40.38 -22.07 22.72
N LEU C 182 41.23 -21.07 22.94
CA LEU C 182 41.81 -20.29 21.87
C LEU C 182 43.31 -20.15 22.10
N SER C 183 44.00 -19.58 21.09
CA SER C 183 45.44 -19.40 21.16
C SER C 183 45.81 -18.13 20.41
N SER C 184 46.82 -17.42 20.91
CA SER C 184 47.25 -16.16 20.31
C SER C 184 48.77 -16.13 20.28
N VAL C 185 49.33 -15.68 19.15
CA VAL C 185 50.78 -15.65 18.94
C VAL C 185 51.19 -14.27 18.46
N VAL C 186 52.43 -13.89 18.77
CA VAL C 186 53.01 -12.60 18.43
C VAL C 186 54.45 -12.81 17.98
N SER C 187 55.03 -11.76 17.40
CA SER C 187 56.44 -11.77 17.00
C SER C 187 57.02 -10.38 17.21
N VAL C 188 58.15 -10.32 17.92
CA VAL C 188 58.81 -9.05 18.25
C VAL C 188 60.32 -9.32 18.28
N THR C 189 61.10 -8.23 18.35
CA THR C 189 62.55 -8.37 18.43
C THR C 189 62.96 -8.77 19.85
N SER C 190 63.92 -9.69 19.93
CA SER C 190 64.40 -10.18 21.22
C SER C 190 65.21 -9.11 21.94
N THR C 196 53.54 -9.29 29.15
CA THR C 196 53.23 -8.85 27.79
C THR C 196 51.91 -9.43 27.29
N CYS C 197 51.07 -9.91 28.22
CA CYS C 197 49.87 -10.62 27.83
C CYS C 197 48.83 -10.53 28.94
N ASN C 198 47.64 -10.05 28.60
CA ASN C 198 46.53 -9.97 29.54
C ASN C 198 45.24 -10.44 28.87
N VAL C 199 44.63 -11.49 29.43
CA VAL C 199 43.39 -12.06 28.92
C VAL C 199 42.33 -11.89 29.98
N ALA C 200 41.17 -11.36 29.58
CA ALA C 200 40.04 -11.14 30.47
C ALA C 200 38.83 -11.93 30.00
N HIS C 201 38.06 -12.45 30.94
CA HIS C 201 36.83 -13.18 30.65
C HIS C 201 35.72 -12.57 31.51
N PRO C 202 34.88 -11.70 30.94
CA PRO C 202 33.98 -10.89 31.78
C PRO C 202 32.91 -11.69 32.49
N ALA C 203 32.38 -12.76 31.88
CA ALA C 203 31.27 -13.49 32.48
C ALA C 203 31.69 -14.11 33.82
N THR C 204 32.91 -14.61 33.90
CA THR C 204 33.47 -15.08 35.16
C THR C 204 34.28 -14.01 35.87
N ASN C 205 34.45 -12.84 35.24
CA ASN C 205 35.12 -11.68 35.83
C ASN C 205 36.56 -12.02 36.24
N THR C 206 37.29 -12.64 35.32
CA THR C 206 38.70 -12.95 35.50
C THR C 206 39.51 -12.13 34.52
N LYS C 207 40.52 -11.41 35.05
CA LYS C 207 41.40 -10.56 34.26
C LYS C 207 42.83 -10.76 34.78
N VAL C 208 43.42 -11.91 34.45
CA VAL C 208 44.73 -12.30 34.95
C VAL C 208 45.76 -12.07 33.86
N ASP C 209 46.97 -11.64 34.27
CA ASP C 209 48.03 -11.32 33.32
C ASP C 209 49.37 -11.47 34.04
N LYS C 210 50.15 -12.48 33.65
CA LYS C 210 51.43 -12.74 34.27
C LYS C 210 52.37 -13.38 33.24
N THR C 211 53.61 -13.62 33.67
CA THR C 211 54.64 -14.25 32.85
C THR C 211 54.85 -13.48 31.54
N VAL C 212 55.44 -12.30 31.69
CA VAL C 212 55.73 -11.41 30.57
C VAL C 212 56.62 -12.10 29.54
C1 NAG D . -60.30 23.25 11.03
C2 NAG D . -59.21 22.41 11.72
C3 NAG D . -59.83 21.30 12.54
C4 NAG D . -60.88 21.84 13.51
C5 NAG D . -61.91 22.70 12.79
C6 NAG D . -62.87 23.39 13.74
C7 NAG D . -57.28 22.56 10.18
C8 NAG D . -56.41 21.81 9.22
N2 NAG D . -58.26 21.86 10.76
O3 NAG D . -58.81 20.61 13.24
O4 NAG D . -61.56 20.73 14.10
O5 NAG D . -61.25 23.74 12.03
O6 NAG D . -63.85 22.49 14.24
O7 NAG D . -57.11 23.77 10.41
C1 NAG D . -61.47 20.15 15.34
C2 NAG D . -60.99 18.77 15.83
C3 NAG D . -61.02 18.68 17.35
C4 NAG D . -60.31 19.87 17.99
C5 NAG D . -60.85 21.18 17.41
C6 NAG D . -60.15 22.42 17.96
C7 NAG D . -62.99 17.30 15.36
C8 NAG D . -63.41 16.03 14.71
N2 NAG D . -61.69 17.63 15.22
O3 NAG D . -60.35 17.48 17.74
O4 NAG D . -60.53 19.90 19.40
O5 NAG D . -60.69 21.18 15.99
O6 NAG D . -59.60 22.23 19.26
O7 NAG D . -63.78 18.02 15.97
C1 NAG E . -21.56 -14.75 6.21
C2 NAG E . -21.44 -14.18 7.62
C3 NAG E . -19.97 -14.11 8.02
C4 NAG E . -19.31 -15.47 7.86
C5 NAG E . -19.54 -16.02 6.45
C6 NAG E . -19.05 -17.44 6.28
C7 NAG E . -23.27 -12.64 8.17
C8 NAG E . -23.74 -11.22 8.16
N2 NAG E . -22.05 -12.86 7.69
O3 NAG E . -19.85 -13.67 9.37
O4 NAG E . -17.91 -15.38 8.10
O5 NAG E . -20.95 -16.04 6.16
O6 NAG E . -19.98 -18.38 6.79
O7 NAG E . -23.98 -13.55 8.61
C1 NAG F . 10.73 1.30 -8.16
C2 NAG F . 10.21 1.76 -9.52
C3 NAG F . 10.96 1.05 -10.65
C4 NAG F . 12.47 1.21 -10.47
C5 NAG F . 12.89 0.76 -9.08
C6 NAG F . 14.35 1.02 -8.78
C7 NAG F . 7.86 2.47 -9.42
C8 NAG F . 6.42 2.02 -9.57
N2 NAG F . 8.79 1.53 -9.63
O3 NAG F . 10.58 1.57 -11.91
O4 NAG F . 13.16 0.44 -11.44
O5 NAG F . 12.14 1.47 -8.09
O6 NAG F . 14.56 2.37 -8.40
O7 NAG F . 8.15 3.62 -9.14
C1 NAG G . -43.66 37.63 -42.69
C2 NAG G . -43.24 37.91 -44.13
C3 NAG G . -43.63 36.78 -45.05
C4 NAG G . -43.11 35.44 -44.52
C5 NAG G . -43.59 35.23 -43.10
C6 NAG G . -43.06 33.97 -42.47
C7 NAG G . -43.11 40.33 -44.65
C8 NAG G . -41.72 40.30 -44.12
N2 NAG G . -43.79 39.17 -44.62
O3 NAG G . -43.09 37.02 -46.34
O4 NAG G . -43.58 34.39 -45.35
O5 NAG G . -43.17 36.32 -42.28
O6 NAG G . -41.76 33.65 -42.95
O7 NAG G . -43.63 41.36 -45.08
C1 NAG H . 9.80 -12.25 29.59
C2 NAG H . 9.53 -11.07 30.51
C3 NAG H . 9.56 -11.54 31.96
C4 NAG H . 8.60 -12.69 32.16
C5 NAG H . 8.85 -13.81 31.16
C6 NAG H . 7.80 -14.90 31.21
C7 NAG H . 10.18 -8.85 29.67
C8 NAG H . 11.29 -7.86 29.53
N2 NAG H . 10.49 -10.00 30.30
O3 NAG H . 9.22 -10.45 32.82
O4 NAG H . 8.76 -13.22 33.49
O5 NAG H . 8.83 -13.28 29.82
O6 NAG H . 6.68 -14.59 30.39
O7 NAG H . 9.05 -8.64 29.23
#